data_5KVV
#
_entry.id   5KVV
#
_cell.length_a   52.206
_cell.length_b   78.169
_cell.length_c   154.402
_cell.angle_alpha   90.000
_cell.angle_beta   90.000
_cell.angle_gamma   90.000
#
_symmetry.space_group_name_H-M   'P 21 21 21'
#
loop_
_entity.id
_entity.type
_entity.pdbx_description
1 polymer 'Malate dehydrogenase'
2 non-polymer '1,4-DIHYDRONICOTINAMIDE ADENINE DINUCLEOTIDE'
3 non-polymer GLYCEROL
4 non-polymer 2-AMINO-2-HYDROXYMETHYL-PROPANE-1,3-DIOL
5 non-polymer 'SULFATE ION'
6 water water
#
_entity_poly.entity_id   1
_entity_poly.type   'polypeptide(L)'
_entity_poly.pdbx_seq_one_letter_code
;HHHHHHVSASPLKVAVTGAAGQIGYSLLFRLASGSLLGPDRPIELRLLEIEPALQALEGVVMELDDCAFPLLSGVEIGSD
PQKIFDGVSLALLVGARPRGAGMERSDLLEANGAIFTAQGKALNAVAADDVRVGVTGNPANTNALIAMTNAPDIPRERFS
ALTRLDHNRAISQLAAKTGAAVTDIKKMTIWGNHSATQYPDLFHAEVAGKNAAEVVNDQAWIEDEFIPTVAKRGAAIIDA
RGASSAASAASATIDAARDWLLGTPADDWVSMAVVSDGSYGVPEGLISSFPVTTKGGNWTIVSGLEIDEFSRGRIDKSTA
ELADERSAVTELGLI
;
_entity_poly.pdbx_strand_id   A,B
#
loop_
_chem_comp.id
_chem_comp.type
_chem_comp.name
_chem_comp.formula
GOL non-polymer GLYCEROL 'C3 H8 O3'
NAI non-polymer '1,4-DIHYDRONICOTINAMIDE ADENINE DINUCLEOTIDE' 'C21 H29 N7 O14 P2'
SO4 non-polymer 'SULFATE ION' 'O4 S -2'
TRS non-polymer 2-AMINO-2-HYDROXYMETHYL-PROPANE-1,3-DIOL 'C4 H12 N O3 1'
#
# COMPACT_ATOMS: atom_id res chain seq x y z
N ALA A 9 -16.82 -16.34 -1.41
CA ALA A 9 -17.75 -15.20 -1.39
C ALA A 9 -17.81 -14.48 -2.74
N SER A 10 -19.01 -14.05 -3.13
CA SER A 10 -19.18 -13.24 -4.34
C SER A 10 -18.44 -11.92 -4.18
N PRO A 11 -17.71 -11.49 -5.22
CA PRO A 11 -16.89 -10.28 -5.14
C PRO A 11 -17.71 -9.07 -4.70
N LEU A 12 -17.20 -8.31 -3.73
CA LEU A 12 -17.79 -7.03 -3.35
C LEU A 12 -17.43 -6.00 -4.40
N LYS A 13 -18.44 -5.35 -4.95
CA LYS A 13 -18.22 -4.29 -5.93
C LYS A 13 -17.92 -2.98 -5.21
N VAL A 14 -16.68 -2.51 -5.38
CA VAL A 14 -16.20 -1.33 -4.68
C VAL A 14 -15.81 -0.24 -5.68
N ALA A 15 -16.44 0.92 -5.57
CA ALA A 15 -16.08 2.06 -6.40
C ALA A 15 -15.07 2.92 -5.66
N VAL A 16 -14.02 3.35 -6.36
CA VAL A 16 -13.10 4.34 -5.83
C VAL A 16 -12.93 5.44 -6.85
N THR A 17 -13.26 6.67 -6.46
CA THR A 17 -13.05 7.82 -7.33
C THR A 17 -11.70 8.42 -6.98
N GLY A 18 -11.20 9.34 -7.82
CA GLY A 18 -9.87 9.92 -7.61
C GLY A 18 -8.76 8.91 -7.79
N ALA A 19 -9.04 7.83 -8.52
CA ALA A 19 -8.19 6.65 -8.58
C ALA A 19 -6.78 6.87 -9.12
N ALA A 20 -6.61 7.92 -9.91
CA ALA A 20 -5.28 8.19 -10.48
C ALA A 20 -4.47 9.16 -9.63
N GLY A 21 -5.05 9.60 -8.51
CA GLY A 21 -4.40 10.56 -7.64
C GLY A 21 -3.49 9.92 -6.60
N GLN A 22 -2.99 10.73 -5.67
CA GLN A 22 -2.00 10.27 -4.70
C GLN A 22 -2.58 9.28 -3.68
N ILE A 23 -3.70 9.67 -3.06
CA ILE A 23 -4.37 8.76 -2.13
C ILE A 23 -4.77 7.47 -2.84
N GLY A 24 -5.37 7.59 -4.02
CA GLY A 24 -5.73 6.43 -4.81
C GLY A 24 -4.54 5.48 -5.01
N TYR A 25 -3.38 6.04 -5.33
CA TYR A 25 -2.21 5.21 -5.58
C TYR A 25 -1.79 4.46 -4.31
N SER A 26 -2.01 5.10 -3.15
CA SER A 26 -1.70 4.42 -1.88
C SER A 26 -2.83 3.51 -1.37
N LEU A 27 -4.01 3.60 -1.99
CA LEU A 27 -5.22 2.92 -1.53
C LEU A 27 -5.54 1.63 -2.28
N LEU A 28 -5.46 1.69 -3.62
CA LEU A 28 -5.94 0.59 -4.45
C LEU A 28 -5.25 -0.76 -4.21
N PHE A 29 -3.94 -0.72 -3.97
CA PHE A 29 -3.18 -1.97 -3.88
C PHE A 29 -3.44 -2.66 -2.54
N ARG A 30 -3.63 -1.86 -1.49
CA ARG A 30 -4.00 -2.42 -0.22
C ARG A 30 -5.42 -2.99 -0.26
N LEU A 31 -6.34 -2.28 -0.93
CA LEU A 31 -7.69 -2.81 -1.12
C LEU A 31 -7.66 -4.17 -1.84
N ALA A 32 -6.87 -4.25 -2.90
CA ALA A 32 -6.92 -5.42 -3.75
C ALA A 32 -6.18 -6.61 -3.14
N SER A 33 -5.36 -6.36 -2.12
CA SER A 33 -4.59 -7.42 -1.49
C SER A 33 -5.25 -7.88 -0.19
N GLY A 34 -6.43 -7.34 0.11
CA GLY A 34 -7.21 -7.85 1.22
C GLY A 34 -7.34 -7.00 2.47
N SER A 35 -6.86 -5.75 2.44
CA SER A 35 -6.96 -4.87 3.61
C SER A 35 -8.38 -4.53 4.04
N LEU A 36 -9.31 -4.56 3.08
CA LEU A 36 -10.69 -4.18 3.38
C LEU A 36 -11.47 -5.31 4.07
N LEU A 37 -11.47 -6.48 3.45
CA LEU A 37 -12.38 -7.55 3.89
C LEU A 37 -11.65 -8.78 4.38
N GLY A 38 -10.32 -8.75 4.36
CA GLY A 38 -9.55 -9.90 4.79
C GLY A 38 -9.21 -10.86 3.66
N PRO A 39 -8.55 -11.96 4.00
CA PRO A 39 -7.85 -12.83 3.03
C PRO A 39 -8.74 -13.66 2.14
N ASP A 40 -10.04 -13.76 2.43
CA ASP A 40 -10.92 -14.68 1.70
C ASP A 40 -12.12 -14.01 1.01
N ARG A 41 -12.12 -12.69 0.94
CA ARG A 41 -13.24 -11.98 0.31
C ARG A 41 -12.75 -11.19 -0.89
N PRO A 42 -13.04 -11.70 -2.10
CA PRO A 42 -12.57 -10.97 -3.29
C PRO A 42 -13.33 -9.67 -3.50
N ILE A 43 -12.73 -8.76 -4.24
CA ILE A 43 -13.39 -7.49 -4.55
C ILE A 43 -13.28 -7.20 -6.03
N GLU A 44 -14.27 -6.51 -6.56
CA GLU A 44 -14.21 -5.96 -7.90
C GLU A 44 -14.00 -4.46 -7.77
N LEU A 45 -12.90 -3.96 -8.33
CA LEU A 45 -12.61 -2.53 -8.26
C LEU A 45 -13.25 -1.79 -9.43
N ARG A 46 -13.95 -0.70 -9.12
CA ARG A 46 -14.50 0.15 -10.17
C ARG A 46 -13.96 1.58 -10.00
N LEU A 47 -13.15 2.00 -10.94
CA LEU A 47 -12.33 3.19 -10.73
C LEU A 47 -12.76 4.39 -11.58
N LEU A 48 -13.07 5.50 -10.91
CA LEU A 48 -13.59 6.70 -11.56
C LEU A 48 -12.56 7.82 -11.54
N GLU A 49 -12.42 8.47 -12.70
CA GLU A 49 -11.55 9.62 -12.85
C GLU A 49 -12.21 10.64 -13.76
N ILE A 50 -11.61 11.82 -13.91
CA ILE A 50 -12.06 12.74 -14.95
C ILE A 50 -11.21 12.49 -16.19
N GLU A 51 -11.67 12.99 -17.33
CA GLU A 51 -11.07 12.61 -18.61
C GLU A 51 -9.55 12.86 -18.70
N PRO A 52 -9.07 14.05 -18.29
CA PRO A 52 -7.63 14.31 -18.43
C PRO A 52 -6.77 13.32 -17.65
N ALA A 53 -7.35 12.61 -16.69
CA ALA A 53 -6.55 11.68 -15.88
C ALA A 53 -6.67 10.22 -16.30
N LEU A 54 -7.54 9.94 -17.28
CA LEU A 54 -7.77 8.55 -17.70
C LEU A 54 -6.49 7.81 -18.13
N GLN A 55 -5.64 8.47 -18.89
CA GLN A 55 -4.36 7.90 -19.31
C GLN A 55 -3.56 7.45 -18.08
N ALA A 56 -3.47 8.32 -17.07
CA ALA A 56 -2.73 7.96 -15.87
C ALA A 56 -3.39 6.77 -15.23
N LEU A 57 -4.71 6.78 -15.21
CA LEU A 57 -5.44 5.67 -14.63
C LEU A 57 -5.06 4.34 -15.31
N GLU A 58 -4.85 4.38 -16.63
CA GLU A 58 -4.48 3.17 -17.35
C GLU A 58 -3.19 2.60 -16.78
N GLY A 59 -2.23 3.50 -16.57
CA GLY A 59 -0.95 3.12 -15.98
C GLY A 59 -1.20 2.45 -14.65
N VAL A 60 -2.06 3.03 -13.82
CA VAL A 60 -2.33 2.46 -12.51
C VAL A 60 -2.85 1.04 -12.66
N VAL A 61 -3.78 0.85 -13.60
CA VAL A 61 -4.40 -0.46 -13.73
C VAL A 61 -3.34 -1.45 -14.20
N MET A 62 -2.41 -0.99 -15.04
CA MET A 62 -1.33 -1.85 -15.50
C MET A 62 -0.62 -2.41 -14.27
N GLU A 63 -0.28 -1.53 -13.34
CA GLU A 63 0.41 -1.97 -12.12
C GLU A 63 -0.44 -2.92 -11.29
N LEU A 64 -1.75 -2.63 -11.20
CA LEU A 64 -2.64 -3.48 -10.44
C LEU A 64 -2.60 -4.86 -11.05
N ASP A 65 -2.68 -4.90 -12.39
CA ASP A 65 -2.72 -6.18 -13.09
C ASP A 65 -1.42 -6.93 -12.77
N ASP A 66 -0.32 -6.18 -12.67
CA ASP A 66 1.01 -6.77 -12.54
C ASP A 66 1.26 -7.29 -11.14
N CYS A 67 0.30 -7.09 -10.23
CA CYS A 67 0.48 -7.63 -8.89
C CYS A 67 -0.07 -9.04 -8.79
N ALA A 68 -0.83 -9.44 -9.81
CA ALA A 68 -1.48 -10.74 -9.86
C ALA A 68 -2.19 -11.05 -8.54
N PHE A 69 -3.02 -10.11 -8.08
CA PHE A 69 -3.72 -10.27 -6.80
C PHE A 69 -4.81 -11.32 -6.92
N PRO A 70 -4.75 -12.40 -6.12
CA PRO A 70 -5.80 -13.43 -6.19
C PRO A 70 -7.20 -12.93 -5.82
N LEU A 71 -7.29 -11.90 -4.96
CA LEU A 71 -8.59 -11.39 -4.53
C LEU A 71 -9.23 -10.38 -5.48
N LEU A 72 -8.46 -9.89 -6.45
CA LEU A 72 -8.98 -8.86 -7.36
C LEU A 72 -9.74 -9.49 -8.50
N SER A 73 -11.06 -9.63 -8.35
CA SER A 73 -11.84 -10.41 -9.32
C SER A 73 -11.89 -9.72 -10.69
N GLY A 74 -11.90 -8.39 -10.69
CA GLY A 74 -11.81 -7.62 -11.93
C GLY A 74 -11.66 -6.14 -11.65
N VAL A 75 -11.37 -5.37 -12.69
CA VAL A 75 -11.23 -3.91 -12.62
C VAL A 75 -11.95 -3.25 -13.80
N GLU A 76 -12.81 -2.28 -13.53
CA GLU A 76 -13.35 -1.42 -14.60
C GLU A 76 -12.92 0.03 -14.36
N ILE A 77 -12.57 0.75 -15.42
CA ILE A 77 -12.24 2.16 -15.28
C ILE A 77 -13.11 2.99 -16.21
N GLY A 78 -13.32 4.24 -15.84
CA GLY A 78 -14.14 5.13 -16.66
C GLY A 78 -14.27 6.51 -16.06
N SER A 79 -15.01 7.37 -16.73
CA SER A 79 -15.19 8.75 -16.28
C SER A 79 -16.66 9.07 -16.07
N ASP A 80 -17.52 8.08 -16.31
CA ASP A 80 -18.97 8.25 -16.15
C ASP A 80 -19.39 7.64 -14.83
N PRO A 81 -19.82 8.49 -13.88
CA PRO A 81 -20.18 7.94 -12.57
C PRO A 81 -21.40 7.03 -12.64
N GLN A 82 -22.34 7.27 -13.56
CA GLN A 82 -23.48 6.38 -13.72
C GLN A 82 -23.02 4.97 -14.12
N LYS A 83 -21.96 4.87 -14.91
CA LYS A 83 -21.44 3.55 -15.30
C LYS A 83 -20.60 2.91 -14.18
N ILE A 84 -19.65 3.65 -13.64
CA ILE A 84 -18.73 3.12 -12.65
C ILE A 84 -19.43 2.73 -11.33
N PHE A 85 -20.38 3.56 -10.90
CA PHE A 85 -21.13 3.28 -9.66
C PHE A 85 -22.18 2.16 -9.81
N ASP A 86 -22.38 1.66 -11.03
CA ASP A 86 -23.45 0.70 -11.27
C ASP A 86 -23.30 -0.55 -10.39
N GLY A 87 -24.24 -0.74 -9.48
CA GLY A 87 -24.26 -1.93 -8.63
C GLY A 87 -23.29 -1.98 -7.47
N VAL A 88 -22.55 -0.90 -7.22
CA VAL A 88 -21.54 -0.94 -6.15
C VAL A 88 -22.14 -0.98 -4.75
N SER A 89 -21.45 -1.66 -3.84
CA SER A 89 -21.90 -1.82 -2.47
C SER A 89 -21.06 -0.95 -1.55
N LEU A 90 -19.96 -0.46 -2.08
CA LEU A 90 -19.12 0.48 -1.34
C LEU A 90 -18.58 1.47 -2.35
N ALA A 91 -18.77 2.76 -2.04
CA ALA A 91 -18.26 3.83 -2.88
C ALA A 91 -17.35 4.67 -2.02
N LEU A 92 -16.07 4.69 -2.37
CA LEU A 92 -15.07 5.47 -1.65
C LEU A 92 -14.78 6.75 -2.44
N LEU A 93 -15.39 7.85 -2.04
CA LEU A 93 -15.29 9.09 -2.79
C LEU A 93 -14.05 9.88 -2.39
N VAL A 94 -12.94 9.58 -3.07
CA VAL A 94 -11.65 10.22 -2.82
C VAL A 94 -11.40 11.34 -3.84
N GLY A 95 -12.03 11.23 -5.01
CA GLY A 95 -11.84 12.23 -6.05
C GLY A 95 -12.33 13.62 -5.72
N ALA A 96 -11.39 14.56 -5.67
CA ALA A 96 -11.63 15.95 -5.32
C ALA A 96 -10.29 16.65 -5.30
N ARG A 97 -10.30 17.95 -5.51
CA ARG A 97 -9.06 18.73 -5.48
C ARG A 97 -8.51 18.82 -4.06
N PRO A 98 -7.18 18.68 -3.91
CA PRO A 98 -6.55 18.88 -2.60
C PRO A 98 -6.14 20.33 -2.42
N ARG A 99 -5.75 20.72 -1.22
CA ARG A 99 -5.23 22.07 -1.02
C ARG A 99 -3.91 22.24 -1.77
N GLY A 100 -3.58 23.48 -2.10
CA GLY A 100 -2.32 23.79 -2.76
C GLY A 100 -2.57 24.32 -4.16
N ALA A 101 -1.50 24.73 -4.83
CA ALA A 101 -1.55 25.16 -6.22
C ALA A 101 -2.58 26.25 -6.49
N GLY A 102 -2.74 27.17 -5.54
CA GLY A 102 -3.65 28.29 -5.72
C GLY A 102 -4.90 28.14 -4.88
N MET A 103 -4.93 27.10 -4.04
CA MET A 103 -6.11 26.83 -3.23
C MET A 103 -5.76 26.47 -1.81
N GLU A 104 -6.35 27.22 -0.88
CA GLU A 104 -6.24 26.88 0.53
C GLU A 104 -7.44 26.03 0.88
N ARG A 105 -7.43 25.39 2.03
CA ARG A 105 -8.50 24.49 2.42
C ARG A 105 -9.90 25.13 2.29
N SER A 106 -10.04 26.40 2.69
CA SER A 106 -11.35 27.07 2.63
C SER A 106 -11.90 27.18 1.20
N ASP A 107 -11.00 27.15 0.21
CA ASP A 107 -11.39 27.23 -1.20
C ASP A 107 -11.96 25.94 -1.73
N LEU A 108 -11.74 24.84 -0.99
CA LEU A 108 -12.13 23.54 -1.50
C LEU A 108 -13.66 23.37 -1.55
N LEU A 109 -14.34 24.01 -0.59
CA LEU A 109 -15.79 23.90 -0.48
C LEU A 109 -16.44 24.21 -1.82
N GLU A 110 -16.11 25.35 -2.38
CA GLU A 110 -16.73 25.73 -3.64
C GLU A 110 -16.07 25.02 -4.81
N ALA A 111 -14.80 24.66 -4.66
CA ALA A 111 -14.12 24.05 -5.80
C ALA A 111 -14.66 22.65 -6.03
N ASN A 112 -14.97 21.96 -4.94
CA ASN A 112 -15.25 20.53 -5.01
C ASN A 112 -16.72 20.13 -4.89
N GLY A 113 -17.54 21.00 -4.32
CA GLY A 113 -18.90 20.65 -3.95
C GLY A 113 -19.75 20.02 -5.05
N ALA A 114 -19.66 20.59 -6.25
CA ALA A 114 -20.51 20.13 -7.35
C ALA A 114 -20.21 18.67 -7.73
N ILE A 115 -18.97 18.23 -7.53
CA ILE A 115 -18.63 16.82 -7.76
C ILE A 115 -19.63 15.97 -6.99
N PHE A 116 -19.82 16.32 -5.72
CA PHE A 116 -20.66 15.52 -4.85
C PHE A 116 -22.13 15.70 -5.10
N THR A 117 -22.52 16.82 -5.69
CA THR A 117 -23.92 16.95 -6.10
C THR A 117 -24.10 15.88 -7.16
N ALA A 118 -23.19 15.88 -8.14
CA ALA A 118 -23.37 15.01 -9.27
C ALA A 118 -23.27 13.54 -8.86
N GLN A 119 -22.24 13.22 -8.07
CA GLN A 119 -22.02 11.84 -7.70
C GLN A 119 -23.15 11.36 -6.80
N GLY A 120 -23.72 12.28 -6.01
CA GLY A 120 -24.84 11.92 -5.18
C GLY A 120 -25.95 11.40 -6.09
N LYS A 121 -26.25 12.18 -7.12
CA LYS A 121 -27.36 11.81 -7.99
C LYS A 121 -27.04 10.48 -8.64
N ALA A 122 -25.76 10.30 -9.02
CA ALA A 122 -25.38 9.09 -9.74
C ALA A 122 -25.61 7.91 -8.82
N LEU A 123 -25.13 8.03 -7.58
CA LEU A 123 -25.26 6.92 -6.64
C LEU A 123 -26.75 6.59 -6.49
N ASN A 124 -27.55 7.64 -6.36
CA ASN A 124 -28.98 7.47 -6.10
C ASN A 124 -29.59 6.67 -7.22
N ALA A 125 -29.11 6.91 -8.43
CA ALA A 125 -29.69 6.28 -9.59
C ALA A 125 -29.25 4.83 -9.76
N VAL A 126 -28.01 4.50 -9.37
CA VAL A 126 -27.44 3.23 -9.86
C VAL A 126 -26.77 2.29 -8.86
N ALA A 127 -26.53 2.75 -7.63
CA ALA A 127 -25.78 1.95 -6.66
C ALA A 127 -26.63 0.79 -6.14
N ALA A 128 -25.96 -0.24 -5.61
CA ALA A 128 -26.67 -1.36 -5.02
C ALA A 128 -27.47 -0.87 -3.83
N ASP A 129 -28.56 -1.56 -3.50
CA ASP A 129 -29.43 -1.16 -2.39
C ASP A 129 -28.66 -1.12 -1.08
N ASP A 130 -27.61 -1.94 -0.95
CA ASP A 130 -26.88 -2.06 0.31
C ASP A 130 -25.64 -1.16 0.39
N VAL A 131 -25.54 -0.20 -0.54
CA VAL A 131 -24.34 0.63 -0.69
C VAL A 131 -24.02 1.44 0.56
N ARG A 132 -22.74 1.46 0.94
CA ARG A 132 -22.26 2.39 1.96
C ARG A 132 -21.30 3.37 1.26
N VAL A 133 -21.36 4.62 1.65
CA VAL A 133 -20.61 5.68 0.95
C VAL A 133 -19.69 6.45 1.90
N GLY A 134 -18.39 6.31 1.69
CA GLY A 134 -17.40 7.02 2.48
C GLY A 134 -16.74 8.13 1.68
N VAL A 135 -16.81 9.34 2.23
CA VAL A 135 -16.26 10.52 1.58
C VAL A 135 -14.94 10.90 2.20
N THR A 136 -13.89 10.82 1.40
CA THR A 136 -12.57 11.27 1.82
C THR A 136 -12.26 12.68 1.29
N GLY A 137 -12.62 12.94 0.02
CA GLY A 137 -12.32 14.22 -0.60
C GLY A 137 -12.81 15.42 0.21
N ASN A 138 -11.99 16.45 0.31
CA ASN A 138 -12.31 17.65 1.12
C ASN A 138 -13.14 18.75 0.44
N PRO A 139 -13.92 19.50 1.24
CA PRO A 139 -14.14 19.33 2.69
C PRO A 139 -14.99 18.12 2.98
N ALA A 140 -14.47 17.15 3.73
CA ALA A 140 -15.11 15.84 3.77
C ALA A 140 -16.55 15.84 4.29
N ASN A 141 -16.79 16.45 5.45
CA ASN A 141 -18.13 16.48 6.03
C ASN A 141 -19.15 17.07 5.10
N THR A 142 -18.83 18.25 4.58
CA THR A 142 -19.77 19.00 3.77
C THR A 142 -19.99 18.31 2.42
N ASN A 143 -18.94 17.67 1.90
CA ASN A 143 -19.08 16.88 0.68
C ASN A 143 -20.01 15.69 0.88
N ALA A 144 -19.86 15.03 2.03
CA ALA A 144 -20.77 13.94 2.39
C ALA A 144 -22.20 14.46 2.54
N LEU A 145 -22.35 15.63 3.16
CA LEU A 145 -23.68 16.25 3.31
C LEU A 145 -24.34 16.45 1.95
N ILE A 146 -23.54 16.94 1.00
CA ILE A 146 -24.01 17.17 -0.36
C ILE A 146 -24.42 15.88 -1.06
N ALA A 147 -23.57 14.86 -0.94
CA ALA A 147 -23.83 13.56 -1.55
C ALA A 147 -25.12 12.97 -1.02
N MET A 148 -25.19 12.85 0.31
CA MET A 148 -26.37 12.35 1.02
C MET A 148 -27.65 13.07 0.59
N THR A 149 -27.60 14.39 0.55
CA THR A 149 -28.79 15.18 0.24
C THR A 149 -29.29 14.93 -1.18
N ASN A 150 -28.35 14.70 -2.09
CA ASN A 150 -28.67 14.46 -3.50
C ASN A 150 -28.93 12.99 -3.81
N ALA A 151 -29.00 12.18 -2.77
CA ALA A 151 -29.35 10.77 -2.89
C ALA A 151 -30.51 10.43 -1.97
N PRO A 152 -31.69 11.04 -2.22
CA PRO A 152 -32.78 10.94 -1.26
C PRO A 152 -33.36 9.53 -1.16
N ASP A 153 -33.10 8.68 -2.15
CA ASP A 153 -33.61 7.32 -2.14
C ASP A 153 -32.67 6.34 -1.47
N ILE A 154 -31.54 6.84 -1.00
CA ILE A 154 -30.60 6.03 -0.24
C ILE A 154 -30.70 6.50 1.21
N PRO A 155 -30.80 5.55 2.16
CA PRO A 155 -30.93 5.92 3.58
C PRO A 155 -29.82 6.88 4.02
N ARG A 156 -30.17 7.87 4.83
CA ARG A 156 -29.22 8.91 5.19
C ARG A 156 -28.02 8.36 5.97
N GLU A 157 -28.21 7.25 6.68
CA GLU A 157 -27.16 6.65 7.50
C GLU A 157 -26.05 6.01 6.67
N ARG A 158 -26.26 5.94 5.36
CA ARG A 158 -25.30 5.26 4.46
C ARG A 158 -24.14 6.16 4.07
N PHE A 159 -24.16 7.41 4.53
CA PHE A 159 -23.15 8.37 4.14
C PHE A 159 -22.28 8.78 5.31
N SER A 160 -20.97 8.78 5.11
CA SER A 160 -20.05 9.15 6.18
C SER A 160 -18.80 9.83 5.65
N ALA A 161 -18.36 10.87 6.35
CA ALA A 161 -17.17 11.60 5.98
C ALA A 161 -16.02 11.14 6.87
N LEU A 162 -14.81 11.17 6.31
CA LEU A 162 -13.63 10.62 6.99
C LEU A 162 -13.03 11.54 8.03
N THR A 163 -13.17 11.16 9.30
CA THR A 163 -12.39 11.77 10.36
C THR A 163 -11.42 10.73 10.94
N ARG A 164 -11.35 9.57 10.31
CA ARG A 164 -10.51 8.49 10.83
C ARG A 164 -9.01 8.83 10.77
N LEU A 165 -8.62 9.77 9.91
CA LEU A 165 -7.20 10.16 9.87
C LEU A 165 -6.88 11.00 11.10
N ASP A 166 -7.77 11.94 11.41
CA ASP A 166 -7.63 12.75 12.63
C ASP A 166 -7.56 11.81 13.83
N HIS A 167 -8.46 10.84 13.84
CA HIS A 167 -8.61 9.87 14.91
C HIS A 167 -7.31 9.08 15.11
N ASN A 168 -6.78 8.52 14.01
CA ASN A 168 -5.51 7.77 14.06
C ASN A 168 -4.30 8.64 14.46
N ARG A 169 -4.29 9.89 14.00
CA ARG A 169 -3.24 10.86 14.34
C ARG A 169 -3.25 11.18 15.83
N ALA A 170 -4.46 11.33 16.38
CA ALA A 170 -4.63 11.58 17.81
C ALA A 170 -4.19 10.37 18.62
N ILE A 171 -4.54 9.18 18.16
CA ILE A 171 -4.04 7.96 18.83
C ILE A 171 -2.51 7.92 18.83
N SER A 172 -1.90 8.27 17.70
CA SER A 172 -0.44 8.32 17.61
C SER A 172 0.19 9.28 18.63
N GLN A 173 -0.35 10.50 18.68
CA GLN A 173 0.16 11.51 19.61
C GLN A 173 0.02 11.06 21.05
N LEU A 174 -1.16 10.56 21.40
CA LEU A 174 -1.43 10.08 22.75
C LEU A 174 -0.49 8.95 23.17
N ALA A 175 -0.33 7.98 22.29
CA ALA A 175 0.53 6.83 22.59
C ALA A 175 1.97 7.29 22.80
N ALA A 176 2.46 8.18 21.93
CA ALA A 176 3.81 8.72 22.13
C ALA A 176 3.95 9.46 23.46
N LYS A 177 2.99 10.33 23.76
CA LYS A 177 3.02 11.09 25.01
C LYS A 177 3.02 10.22 26.27
N THR A 178 2.25 9.13 26.24
CA THR A 178 2.06 8.30 27.44
C THR A 178 3.01 7.10 27.53
N GLY A 179 3.81 6.90 26.49
CA GLY A 179 4.67 5.73 26.41
C GLY A 179 3.89 4.43 26.23
N ALA A 180 2.65 4.54 25.75
CA ALA A 180 1.82 3.38 25.52
C ALA A 180 1.97 2.86 24.09
N ALA A 181 1.55 1.61 23.87
CA ALA A 181 1.47 1.09 22.49
C ALA A 181 0.09 1.44 21.92
N VAL A 182 -0.04 1.41 20.60
CA VAL A 182 -1.33 1.80 20.02
C VAL A 182 -2.43 0.82 20.44
N THR A 183 -2.07 -0.44 20.69
CA THR A 183 -3.05 -1.43 21.14
C THR A 183 -3.58 -1.11 22.54
N ASP A 184 -2.89 -0.22 23.25
CA ASP A 184 -3.38 0.21 24.57
C ASP A 184 -4.47 1.25 24.46
N ILE A 185 -4.57 1.90 23.29
CA ILE A 185 -5.46 3.06 23.18
C ILE A 185 -6.85 2.70 22.70
N LYS A 186 -7.85 3.03 23.51
CA LYS A 186 -9.24 2.77 23.16
C LYS A 186 -10.09 4.03 23.27
N LYS A 187 -11.19 4.06 22.52
CA LYS A 187 -12.24 5.06 22.69
C LYS A 187 -11.73 6.48 22.46
N MET A 188 -10.88 6.64 21.47
CA MET A 188 -10.53 7.97 20.98
C MET A 188 -11.77 8.51 20.29
N THR A 189 -11.99 9.82 20.40
CA THR A 189 -13.10 10.45 19.70
C THR A 189 -12.63 11.72 19.05
N ILE A 190 -12.95 11.89 17.77
CA ILE A 190 -12.86 13.20 17.14
C ILE A 190 -14.28 13.71 17.02
N TRP A 191 -14.57 14.90 17.57
CA TRP A 191 -15.89 15.51 17.40
C TRP A 191 -15.86 16.58 16.33
N GLY A 192 -16.92 16.65 15.52
CA GLY A 192 -17.12 17.81 14.66
C GLY A 192 -16.62 17.67 13.23
N ASN A 193 -15.90 18.69 12.78
CA ASN A 193 -15.49 18.82 11.39
C ASN A 193 -14.09 18.25 11.18
N HIS A 194 -13.87 17.62 10.02
CA HIS A 194 -12.50 17.33 9.59
C HIS A 194 -11.88 18.65 9.14
N SER A 195 -11.34 19.41 10.08
CA SER A 195 -10.79 20.71 9.79
C SER A 195 -10.03 21.16 11.00
N ALA A 196 -9.54 22.39 10.96
CA ALA A 196 -8.83 22.95 12.10
C ALA A 196 -9.69 23.09 13.37
N THR A 197 -11.01 23.00 13.25
CA THR A 197 -11.84 23.16 14.44
C THR A 197 -12.19 21.83 15.11
N GLN A 198 -11.70 20.75 14.53
CA GLN A 198 -11.91 19.42 15.11
C GLN A 198 -11.52 19.35 16.59
N TYR A 199 -12.27 18.54 17.35
CA TYR A 199 -11.97 18.41 18.76
C TYR A 199 -11.66 16.96 19.12
N PRO A 200 -10.36 16.66 19.34
CA PRO A 200 -9.93 15.34 19.81
C PRO A 200 -10.17 15.25 21.30
N ASP A 201 -10.95 14.26 21.71
CA ASP A 201 -11.48 14.17 23.06
C ASP A 201 -10.77 13.10 23.90
N LEU A 202 -9.91 13.54 24.81
CA LEU A 202 -9.16 12.64 25.69
C LEU A 202 -9.95 12.29 26.95
N PHE A 203 -11.01 13.03 27.20
CA PHE A 203 -11.74 12.84 28.45
C PHE A 203 -12.54 11.54 28.48
N HIS A 204 -12.93 11.04 27.31
CA HIS A 204 -13.60 9.74 27.26
C HIS A 204 -12.71 8.63 26.69
N ALA A 205 -11.46 8.95 26.41
CA ALA A 205 -10.55 7.97 25.84
C ALA A 205 -9.86 7.18 26.94
N GLU A 206 -9.27 6.03 26.57
CA GLU A 206 -8.60 5.15 27.52
C GLU A 206 -7.18 4.80 27.11
N VAL A 207 -6.29 4.73 28.09
CA VAL A 207 -4.95 4.17 27.88
C VAL A 207 -4.86 2.93 28.76
N ALA A 208 -5.08 1.76 28.15
CA ALA A 208 -5.12 0.49 28.88
C ALA A 208 -5.95 0.56 30.17
N GLY A 209 -7.24 0.84 30.02
CA GLY A 209 -8.15 0.80 31.15
C GLY A 209 -8.00 1.94 32.14
N LYS A 210 -7.33 3.01 31.71
CA LYS A 210 -7.20 4.22 32.52
C LYS A 210 -7.64 5.42 31.70
N ASN A 211 -8.32 6.36 32.33
CA ASN A 211 -8.78 7.58 31.66
C ASN A 211 -7.62 8.37 31.07
N ALA A 212 -7.67 8.61 29.76
CA ALA A 212 -6.51 9.17 29.06
C ALA A 212 -6.14 10.57 29.56
N ALA A 213 -7.14 11.42 29.77
CA ALA A 213 -6.91 12.79 30.25
C ALA A 213 -6.22 12.78 31.61
N GLU A 214 -6.66 11.89 32.50
CA GLU A 214 -6.03 11.76 33.82
C GLU A 214 -4.60 11.22 33.73
N VAL A 215 -4.38 10.27 32.83
CA VAL A 215 -3.06 9.72 32.63
C VAL A 215 -2.11 10.83 32.21
N VAL A 216 -2.54 11.66 31.27
CA VAL A 216 -1.66 12.75 30.84
C VAL A 216 -1.52 13.83 31.92
N ASN A 217 -2.60 14.09 32.65
CA ASN A 217 -2.58 15.04 33.77
C ASN A 217 -1.91 16.38 33.46
N ASP A 218 -2.38 17.03 32.40
CA ASP A 218 -1.75 18.27 31.93
C ASP A 218 -2.68 18.96 30.92
N GLN A 219 -3.62 19.75 31.44
CA GLN A 219 -4.62 20.42 30.60
C GLN A 219 -3.96 21.37 29.61
N ALA A 220 -2.90 22.04 30.07
CA ALA A 220 -2.11 22.89 29.19
C ALA A 220 -1.54 22.12 28.01
N TRP A 221 -1.09 20.88 28.24
CA TRP A 221 -0.58 20.07 27.13
C TRP A 221 -1.70 19.74 26.14
N ILE A 222 -2.88 19.41 26.67
CA ILE A 222 -4.02 19.11 25.81
C ILE A 222 -4.35 20.30 24.92
N GLU A 223 -4.46 21.48 25.53
CA GLU A 223 -4.91 22.67 24.80
C GLU A 223 -3.86 23.30 23.89
N ASP A 224 -2.61 23.32 24.35
CA ASP A 224 -1.57 24.08 23.66
C ASP A 224 -0.72 23.25 22.71
N GLU A 225 -0.71 21.93 22.89
CA GLU A 225 0.15 21.06 22.10
C GLU A 225 -0.60 19.93 21.38
N PHE A 226 -1.33 19.11 22.14
CA PHE A 226 -2.02 17.95 21.58
C PHE A 226 -3.00 18.33 20.45
N ILE A 227 -3.98 19.15 20.78
CA ILE A 227 -5.00 19.55 19.80
C ILE A 227 -4.43 20.22 18.53
N PRO A 228 -3.61 21.28 18.68
CA PRO A 228 -3.07 21.90 17.47
C PRO A 228 -2.14 20.96 16.69
N THR A 229 -1.43 20.06 17.38
CA THR A 229 -0.57 19.12 16.68
C THR A 229 -1.40 18.19 15.81
N VAL A 230 -2.47 17.63 16.36
CA VAL A 230 -3.38 16.82 15.56
C VAL A 230 -3.97 17.61 14.38
N ALA A 231 -4.38 18.86 14.65
CA ALA A 231 -4.99 19.72 13.63
C ALA A 231 -4.08 20.07 12.46
N LYS A 232 -2.79 20.24 12.74
CA LYS A 232 -1.86 20.76 11.74
C LYS A 232 -0.96 19.67 11.20
N ARG A 233 -1.30 18.42 11.50
CA ARG A 233 -0.45 17.29 11.13
C ARG A 233 -0.21 17.17 9.62
N GLY A 234 -1.23 17.48 8.82
CA GLY A 234 -1.10 17.44 7.37
C GLY A 234 0.02 18.33 6.85
N ALA A 235 0.05 19.56 7.35
CA ALA A 235 1.10 20.50 6.98
C ALA A 235 2.47 20.03 7.45
N ALA A 236 2.52 19.40 8.62
CA ALA A 236 3.78 18.87 9.13
C ALA A 236 4.32 17.80 8.19
N ILE A 237 3.43 16.90 7.77
CA ILE A 237 3.84 15.86 6.83
C ILE A 237 4.40 16.50 5.58
N ILE A 238 3.66 17.45 5.01
CA ILE A 238 4.14 18.14 3.79
C ILE A 238 5.51 18.79 3.99
N ASP A 239 5.67 19.50 5.10
CA ASP A 239 6.94 20.17 5.39
C ASP A 239 8.09 19.19 5.46
N ALA A 240 7.81 17.98 5.96
CA ALA A 240 8.86 16.96 6.09
C ALA A 240 9.18 16.19 4.81
N ARG A 241 8.14 15.74 4.10
CA ARG A 241 8.33 14.87 2.92
C ARG A 241 8.39 15.65 1.60
N GLY A 242 7.89 16.87 1.62
CA GLY A 242 7.73 17.65 0.39
C GLY A 242 6.55 17.18 -0.42
N ALA A 243 5.69 16.36 0.19
CA ALA A 243 4.51 15.81 -0.47
C ALA A 243 3.46 15.42 0.58
N SER A 244 2.21 15.28 0.16
CA SER A 244 1.10 15.15 1.11
C SER A 244 0.95 13.74 1.69
N SER A 245 0.13 13.62 2.74
CA SER A 245 0.00 12.39 3.50
C SER A 245 -0.88 11.33 2.84
N ALA A 246 -0.54 10.95 1.62
CA ALA A 246 -1.37 10.00 0.85
C ALA A 246 -1.47 8.62 1.49
N ALA A 247 -0.37 8.08 1.98
CA ALA A 247 -0.37 6.72 2.51
C ALA A 247 -1.19 6.60 3.81
N SER A 248 -1.06 7.57 4.70
CA SER A 248 -1.80 7.52 5.96
C SER A 248 -3.28 7.88 5.77
N ALA A 249 -3.57 8.77 4.82
CA ALA A 249 -4.96 9.05 4.46
C ALA A 249 -5.64 7.84 3.83
N ALA A 250 -4.90 7.14 2.97
CA ALA A 250 -5.39 5.90 2.38
C ALA A 250 -5.65 4.86 3.48
N SER A 251 -4.70 4.77 4.41
CA SER A 251 -4.81 3.82 5.50
C SER A 251 -6.04 4.12 6.38
N ALA A 252 -6.27 5.40 6.66
CA ALA A 252 -7.46 5.80 7.40
C ALA A 252 -8.75 5.50 6.63
N THR A 253 -8.75 5.71 5.33
CA THR A 253 -9.93 5.43 4.48
C THR A 253 -10.27 3.94 4.57
N ILE A 254 -9.23 3.12 4.51
CA ILE A 254 -9.39 1.69 4.65
C ILE A 254 -9.92 1.33 6.02
N ASP A 255 -9.28 1.82 7.08
CA ASP A 255 -9.76 1.58 8.45
C ASP A 255 -11.24 1.89 8.63
N ALA A 256 -11.66 3.08 8.17
CA ALA A 256 -13.04 3.50 8.39
C ALA A 256 -14.01 2.59 7.67
N ALA A 257 -13.70 2.30 6.40
CA ALA A 257 -14.60 1.42 5.64
C ALA A 257 -14.64 0.00 6.21
N ARG A 258 -13.47 -0.48 6.62
CA ARG A 258 -13.34 -1.83 7.16
C ARG A 258 -14.17 -1.96 8.42
N ASP A 259 -13.99 -1.05 9.36
CA ASP A 259 -14.72 -1.10 10.62
C ASP A 259 -16.22 -0.89 10.41
N TRP A 260 -16.58 -0.04 9.45
CA TRP A 260 -17.97 0.17 9.09
C TRP A 260 -18.61 -1.16 8.67
N LEU A 261 -17.96 -1.88 7.77
CA LEU A 261 -18.56 -3.09 7.22
C LEU A 261 -18.45 -4.30 8.16
N LEU A 262 -17.31 -4.41 8.84
CA LEU A 262 -16.98 -5.62 9.62
C LEU A 262 -17.25 -5.48 11.12
N GLY A 263 -17.37 -4.24 11.61
CA GLY A 263 -17.78 -4.01 12.99
C GLY A 263 -16.63 -3.62 13.89
N THR A 264 -16.92 -2.88 14.95
CA THR A 264 -15.89 -2.46 15.90
C THR A 264 -15.74 -3.51 17.00
N PRO A 265 -14.55 -3.58 17.63
CA PRO A 265 -14.33 -4.44 18.80
C PRO A 265 -15.27 -4.07 19.94
N ALA A 266 -15.61 -5.04 20.78
CA ALA A 266 -16.60 -4.84 21.84
C ALA A 266 -16.15 -3.89 22.94
N ASP A 267 -14.84 -3.68 23.03
CA ASP A 267 -14.31 -2.82 24.09
C ASP A 267 -13.89 -1.43 23.57
N ASP A 268 -14.31 -1.07 22.37
CA ASP A 268 -13.77 0.11 21.70
C ASP A 268 -14.85 0.86 20.92
N TRP A 269 -14.48 1.99 20.34
CA TRP A 269 -15.33 2.69 19.38
C TRP A 269 -14.45 3.51 18.45
N VAL A 270 -15.01 4.04 17.37
CA VAL A 270 -14.20 4.84 16.45
C VAL A 270 -14.89 6.16 16.13
N SER A 271 -14.21 7.03 15.39
CA SER A 271 -14.81 8.29 14.99
C SER A 271 -15.36 8.15 13.59
N MET A 272 -16.62 8.57 13.40
CA MET A 272 -17.16 8.69 12.05
C MET A 272 -18.01 9.95 11.93
N ALA A 273 -17.82 10.71 10.85
CA ALA A 273 -18.70 11.84 10.60
C ALA A 273 -19.94 11.35 9.88
N VAL A 274 -21.06 11.42 10.58
CA VAL A 274 -22.33 10.88 10.10
C VAL A 274 -23.42 11.90 10.38
N VAL A 275 -24.61 11.65 9.84
CA VAL A 275 -25.68 12.64 9.99
C VAL A 275 -26.18 12.74 11.44
N SER A 276 -26.35 13.97 11.93
CA SER A 276 -26.75 14.17 13.32
C SER A 276 -28.26 14.13 13.53
N ASP A 277 -28.68 13.43 14.58
CA ASP A 277 -30.09 13.44 14.97
C ASP A 277 -30.33 14.42 16.12
N GLY A 278 -29.34 15.26 16.38
CA GLY A 278 -29.46 16.23 17.47
C GLY A 278 -28.69 15.81 18.71
N SER A 279 -28.18 14.58 18.68
CA SER A 279 -27.43 14.02 19.81
C SER A 279 -26.32 14.96 20.23
N TYR A 280 -26.12 15.09 21.54
CA TYR A 280 -25.01 15.87 22.08
C TYR A 280 -25.08 17.35 21.69
N GLY A 281 -26.26 17.79 21.29
CA GLY A 281 -26.50 19.18 20.94
C GLY A 281 -25.87 19.55 19.62
N VAL A 282 -25.65 18.55 18.77
CA VAL A 282 -25.13 18.79 17.44
C VAL A 282 -26.31 19.01 16.50
N PRO A 283 -26.42 20.21 15.87
CA PRO A 283 -27.61 20.57 15.09
C PRO A 283 -28.00 19.46 14.11
N GLU A 284 -29.29 19.09 14.09
CA GLU A 284 -29.75 17.94 13.27
C GLU A 284 -29.43 18.12 11.79
N GLY A 285 -29.05 17.03 11.12
CA GLY A 285 -28.83 17.08 9.70
C GLY A 285 -27.41 17.40 9.27
N LEU A 286 -26.59 17.92 10.19
CA LEU A 286 -25.17 18.05 9.90
C LEU A 286 -24.50 16.69 9.79
N ILE A 287 -23.51 16.58 8.91
CA ILE A 287 -22.61 15.44 8.94
C ILE A 287 -21.50 15.86 9.87
N SER A 288 -21.41 15.19 11.00
CA SER A 288 -20.53 15.63 12.06
C SER A 288 -19.92 14.40 12.68
N SER A 289 -18.67 14.51 13.11
CA SER A 289 -17.96 13.38 13.68
C SER A 289 -18.47 13.07 15.08
N PHE A 290 -18.80 11.79 15.29
CA PHE A 290 -19.30 11.30 16.57
C PHE A 290 -18.48 10.06 16.93
N PRO A 291 -18.43 9.71 18.23
CA PRO A 291 -17.96 8.38 18.60
C PRO A 291 -19.06 7.39 18.25
N VAL A 292 -18.70 6.32 17.55
CA VAL A 292 -19.69 5.35 17.10
C VAL A 292 -19.17 3.94 17.28
N THR A 293 -20.10 3.02 17.48
CA THR A 293 -19.78 1.60 17.40
C THR A 293 -20.40 1.14 16.10
N THR A 294 -19.86 0.09 15.49
CA THR A 294 -20.43 -0.39 14.24
C THR A 294 -20.69 -1.90 14.27
N LYS A 295 -21.72 -2.30 13.52
CA LYS A 295 -22.05 -3.71 13.35
C LYS A 295 -22.81 -3.93 12.05
N GLY A 296 -22.30 -4.81 11.20
CA GLY A 296 -22.98 -5.19 9.98
C GLY A 296 -23.29 -4.07 9.02
N GLY A 297 -22.36 -3.13 8.89
CA GLY A 297 -22.55 -2.03 7.94
C GLY A 297 -23.34 -0.87 8.51
N ASN A 298 -23.68 -0.93 9.80
CA ASN A 298 -24.43 0.15 10.46
C ASN A 298 -23.66 0.75 11.63
N TRP A 299 -23.81 2.06 11.83
CA TRP A 299 -23.18 2.75 12.95
C TRP A 299 -24.23 3.11 14.00
N THR A 300 -23.79 3.25 15.25
CA THR A 300 -24.64 3.71 16.34
C THR A 300 -23.83 4.71 17.15
N ILE A 301 -24.35 5.92 17.31
CA ILE A 301 -23.68 6.92 18.13
C ILE A 301 -23.62 6.46 19.58
N VAL A 302 -22.45 6.57 20.20
CA VAL A 302 -22.28 6.20 21.60
C VAL A 302 -23.04 7.15 22.53
N SER A 303 -23.92 6.59 23.36
CA SER A 303 -24.81 7.36 24.23
C SER A 303 -24.31 7.48 25.66
N GLY A 304 -24.76 8.53 26.36
CA GLY A 304 -24.53 8.63 27.79
C GLY A 304 -23.18 9.22 28.20
N LEU A 305 -22.43 9.76 27.25
CA LEU A 305 -21.17 10.39 27.60
C LEU A 305 -21.44 11.74 28.25
N GLU A 306 -20.78 12.00 29.36
CA GLU A 306 -20.87 13.29 30.03
C GLU A 306 -19.95 14.30 29.35
N ILE A 307 -20.54 15.39 28.86
CA ILE A 307 -19.76 16.41 28.17
C ILE A 307 -19.36 17.55 29.10
N ASP A 308 -18.08 17.59 29.48
CA ASP A 308 -17.56 18.65 30.32
C ASP A 308 -17.59 20.00 29.61
N GLU A 309 -17.44 21.07 30.38
CA GLU A 309 -17.48 22.46 29.89
C GLU A 309 -16.54 22.76 28.72
N PHE A 310 -15.28 22.37 28.86
CA PHE A 310 -14.26 22.65 27.87
C PHE A 310 -14.60 21.94 26.56
N SER A 311 -14.89 20.65 26.69
CA SER A 311 -15.32 19.82 25.57
C SER A 311 -16.51 20.47 24.88
N ARG A 312 -17.52 20.86 25.65
CA ARG A 312 -18.71 21.54 25.10
C ARG A 312 -18.34 22.76 24.26
N GLY A 313 -17.46 23.60 24.79
CA GLY A 313 -17.00 24.75 24.02
C GLY A 313 -16.39 24.37 22.68
N ARG A 314 -15.46 23.40 22.71
CA ARG A 314 -14.80 22.98 21.47
C ARG A 314 -15.73 22.32 20.43
N ILE A 315 -16.58 21.43 20.92
CA ILE A 315 -17.56 20.78 20.06
C ILE A 315 -18.45 21.83 19.40
N ASP A 316 -18.95 22.79 20.18
CA ASP A 316 -19.81 23.83 19.64
C ASP A 316 -19.11 24.70 18.59
N LYS A 317 -17.83 25.01 18.80
CA LYS A 317 -17.10 25.74 17.77
C LYS A 317 -17.05 24.93 16.46
N SER A 318 -16.80 23.63 16.58
CA SER A 318 -16.73 22.83 15.35
C SER A 318 -18.08 22.71 14.63
N THR A 319 -19.16 22.44 15.36
CA THR A 319 -20.47 22.35 14.73
C THR A 319 -20.94 23.69 14.17
N ALA A 320 -20.55 24.78 14.83
CA ALA A 320 -20.84 26.11 14.27
C ALA A 320 -20.17 26.26 12.90
N GLU A 321 -18.91 25.85 12.81
CA GLU A 321 -18.26 25.84 11.49
C GLU A 321 -19.02 24.99 10.47
N LEU A 322 -19.44 23.79 10.88
CA LEU A 322 -20.20 22.91 10.00
C LEU A 322 -21.51 23.54 9.52
N ALA A 323 -22.16 24.29 10.40
CA ALA A 323 -23.38 24.99 10.06
C ALA A 323 -23.12 26.08 9.03
N ASP A 324 -22.00 26.80 9.18
CA ASP A 324 -21.64 27.80 8.19
C ASP A 324 -21.37 27.18 6.81
N GLU A 325 -20.72 26.02 6.80
CA GLU A 325 -20.44 25.33 5.53
C GLU A 325 -21.74 24.84 4.88
N ARG A 326 -22.65 24.33 5.69
CA ARG A 326 -23.96 23.91 5.19
C ARG A 326 -24.68 25.09 4.55
N SER A 327 -24.62 26.23 5.24
CA SER A 327 -25.24 27.45 4.72
C SER A 327 -24.62 27.83 3.36
N ALA A 328 -23.29 27.77 3.29
CA ALA A 328 -22.55 28.10 2.06
C ALA A 328 -22.94 27.21 0.88
N VAL A 329 -22.99 25.90 1.08
CA VAL A 329 -23.34 25.04 -0.06
C VAL A 329 -24.82 25.15 -0.40
N THR A 330 -25.62 25.54 0.58
CA THR A 330 -27.02 25.82 0.29
C THR A 330 -27.14 27.06 -0.61
N GLU A 331 -26.38 28.11 -0.30
CA GLU A 331 -26.41 29.32 -1.11
C GLU A 331 -25.89 29.07 -2.51
N LEU A 332 -24.99 28.12 -2.66
CA LEU A 332 -24.40 27.81 -3.96
C LEU A 332 -25.32 26.93 -4.80
N GLY A 333 -26.39 26.43 -4.18
CA GLY A 333 -27.35 25.62 -4.89
C GLY A 333 -26.88 24.18 -5.08
N LEU A 334 -25.88 23.77 -4.30
CA LEU A 334 -25.38 22.40 -4.39
C LEU A 334 -26.31 21.41 -3.69
N ILE A 335 -27.12 21.94 -2.78
CA ILE A 335 -28.22 21.22 -2.17
C ILE A 335 -29.41 22.18 -2.09
N SER B 10 7.33 -12.30 19.31
CA SER B 10 8.51 -11.45 19.26
C SER B 10 8.58 -10.79 17.89
N PRO B 11 8.87 -9.48 17.84
CA PRO B 11 8.76 -8.78 16.56
C PRO B 11 9.86 -9.22 15.60
N LEU B 12 9.51 -9.41 14.34
CA LEU B 12 10.54 -9.70 13.35
C LEU B 12 11.27 -8.40 13.03
N LYS B 13 12.60 -8.42 13.12
CA LYS B 13 13.41 -7.24 12.81
C LYS B 13 13.70 -7.18 11.32
N VAL B 14 13.10 -6.19 10.66
CA VAL B 14 13.12 -6.07 9.21
C VAL B 14 13.80 -4.76 8.81
N ALA B 15 14.90 -4.87 8.09
CA ALA B 15 15.56 -3.68 7.57
C ALA B 15 15.04 -3.40 6.17
N VAL B 16 14.70 -2.13 5.90
CA VAL B 16 14.33 -1.73 4.54
C VAL B 16 15.20 -0.56 4.11
N THR B 17 15.98 -0.73 3.05
CA THR B 17 16.79 0.39 2.55
C THR B 17 15.99 1.18 1.49
N GLY B 18 16.43 2.40 1.18
CA GLY B 18 15.71 3.23 0.23
C GLY B 18 14.31 3.59 0.68
N ALA B 19 14.15 3.70 1.99
CA ALA B 19 12.84 3.75 2.62
C ALA B 19 12.04 5.02 2.33
N ALA B 20 12.70 6.08 1.86
CA ALA B 20 12.01 7.32 1.55
C ALA B 20 11.66 7.48 0.06
N GLY B 21 11.99 6.48 -0.76
CA GLY B 21 11.68 6.53 -2.18
C GLY B 21 10.32 5.95 -2.57
N GLN B 22 10.08 5.84 -3.87
CA GLN B 22 8.77 5.40 -4.37
C GLN B 22 8.38 4.00 -3.86
N ILE B 23 9.25 3.03 -4.14
CA ILE B 23 9.00 1.68 -3.71
C ILE B 23 8.80 1.64 -2.20
N GLY B 24 9.68 2.32 -1.46
CA GLY B 24 9.57 2.35 -0.02
C GLY B 24 8.24 2.90 0.45
N TYR B 25 7.77 3.95 -0.22
CA TYR B 25 6.55 4.63 0.17
C TYR B 25 5.35 3.73 -0.03
N SER B 26 5.45 2.78 -0.97
CA SER B 26 4.39 1.76 -1.03
C SER B 26 4.62 0.61 -0.02
N LEU B 27 5.87 0.15 0.05
CA LEU B 27 6.25 -1.05 0.80
C LEU B 27 6.09 -1.00 2.32
N LEU B 28 6.48 0.12 2.94
CA LEU B 28 6.49 0.19 4.41
C LEU B 28 5.12 0.00 5.02
N PHE B 29 4.09 0.49 4.34
CA PHE B 29 2.72 0.41 4.84
C PHE B 29 2.14 -1.00 4.69
N ARG B 30 2.50 -1.68 3.60
CA ARG B 30 2.18 -3.09 3.44
C ARG B 30 2.81 -3.87 4.59
N LEU B 31 4.10 -3.65 4.81
CA LEU B 31 4.81 -4.35 5.87
C LEU B 31 4.17 -4.14 7.24
N ALA B 32 3.95 -2.88 7.58
CA ALA B 32 3.42 -2.56 8.92
C ALA B 32 1.97 -2.97 9.12
N SER B 33 1.22 -3.14 8.03
CA SER B 33 -0.21 -3.49 8.14
C SER B 33 -0.45 -4.99 8.27
N GLY B 34 0.60 -5.78 8.09
CA GLY B 34 0.52 -7.24 8.21
C GLY B 34 0.66 -8.05 6.93
N SER B 35 1.02 -7.41 5.82
CA SER B 35 1.11 -8.10 4.52
C SER B 35 2.23 -9.13 4.43
N LEU B 36 3.25 -8.98 5.26
CA LEU B 36 4.37 -9.92 5.23
C LEU B 36 4.10 -11.22 6.00
N LEU B 37 3.74 -11.10 7.28
CA LEU B 37 3.65 -12.27 8.14
C LEU B 37 2.25 -12.55 8.66
N GLY B 38 1.28 -11.77 8.22
CA GLY B 38 -0.09 -11.96 8.67
C GLY B 38 -0.40 -11.15 9.92
N PRO B 39 -1.64 -11.28 10.43
CA PRO B 39 -2.22 -10.40 11.45
C PRO B 39 -1.68 -10.59 12.87
N ASP B 40 -0.97 -11.69 13.12
CA ASP B 40 -0.55 -11.99 14.48
C ASP B 40 0.95 -11.84 14.74
N ARG B 41 1.70 -11.33 13.75
CA ARG B 41 3.14 -11.26 13.88
C ARG B 41 3.63 -9.82 13.80
N PRO B 42 4.04 -9.26 14.94
CA PRO B 42 4.53 -7.88 14.93
C PRO B 42 5.85 -7.68 14.19
N ILE B 43 6.06 -6.45 13.74
CA ILE B 43 7.21 -6.12 12.90
C ILE B 43 7.97 -4.92 13.47
N GLU B 44 9.29 -5.04 13.57
CA GLU B 44 10.11 -3.86 13.85
C GLU B 44 10.77 -3.40 12.55
N LEU B 45 10.56 -2.14 12.19
CA LEU B 45 11.12 -1.60 10.97
C LEU B 45 12.43 -0.85 11.24
N ARG B 46 13.45 -1.19 10.47
CA ARG B 46 14.72 -0.46 10.54
C ARG B 46 15.01 0.13 9.17
N LEU B 47 14.94 1.45 9.07
CA LEU B 47 14.87 2.11 7.76
C LEU B 47 16.16 2.83 7.42
N LEU B 48 16.76 2.47 6.30
CA LEU B 48 18.04 3.06 5.88
C LEU B 48 17.86 4.00 4.69
N GLU B 49 18.46 5.19 4.78
CA GLU B 49 18.46 6.15 3.67
C GLU B 49 19.85 6.78 3.55
N ILE B 50 20.06 7.63 2.55
CA ILE B 50 21.27 8.45 2.49
C ILE B 50 20.95 9.83 3.07
N GLU B 51 21.98 10.58 3.46
CA GLU B 51 21.76 11.83 4.21
C GLU B 51 20.67 12.79 3.68
N PRO B 52 20.74 13.18 2.39
CA PRO B 52 19.76 14.20 1.99
C PRO B 52 18.33 13.68 1.93
N ALA B 53 18.10 12.41 2.23
CA ALA B 53 16.75 11.88 2.27
C ALA B 53 16.20 11.67 3.70
N LEU B 54 17.05 11.86 4.71
CA LEU B 54 16.65 11.60 6.10
C LEU B 54 15.44 12.42 6.58
N GLN B 55 15.42 13.69 6.24
CA GLN B 55 14.29 14.56 6.56
C GLN B 55 13.02 13.96 5.98
N ALA B 56 13.09 13.56 4.70
CA ALA B 56 11.92 13.02 4.05
C ALA B 56 11.54 11.73 4.77
N LEU B 57 12.55 10.97 5.19
CA LEU B 57 12.29 9.70 5.86
C LEU B 57 11.55 9.95 7.17
N GLU B 58 11.91 11.02 7.87
CA GLU B 58 11.21 11.35 9.11
C GLU B 58 9.74 11.52 8.79
N GLY B 59 9.47 12.23 7.70
CA GLY B 59 8.12 12.43 7.22
C GLY B 59 7.39 11.11 7.04
N VAL B 60 8.05 10.15 6.38
CA VAL B 60 7.42 8.86 6.12
C VAL B 60 7.10 8.20 7.44
N VAL B 61 8.03 8.31 8.39
CA VAL B 61 7.82 7.66 9.68
C VAL B 61 6.64 8.32 10.39
N MET B 62 6.49 9.63 10.21
CA MET B 62 5.34 10.31 10.82
C MET B 62 4.05 9.70 10.29
N GLU B 63 4.01 9.46 8.99
CA GLU B 63 2.81 8.86 8.41
C GLU B 63 2.62 7.46 8.95
N LEU B 64 3.73 6.72 9.12
CA LEU B 64 3.63 5.37 9.66
C LEU B 64 2.97 5.48 11.03
N ASP B 65 3.45 6.43 11.84
CA ASP B 65 2.94 6.57 13.19
C ASP B 65 1.45 6.87 13.09
N ASP B 66 1.08 7.68 12.10
CA ASP B 66 -0.29 8.18 11.96
C ASP B 66 -1.26 7.12 11.45
N CYS B 67 -0.75 5.93 11.12
CA CYS B 67 -1.66 4.86 10.72
C CYS B 67 -2.14 4.03 11.91
N ALA B 68 -1.52 4.25 13.07
CA ALA B 68 -1.84 3.51 14.30
C ALA B 68 -1.89 2.01 14.04
N PHE B 69 -0.80 1.47 13.46
CA PHE B 69 -0.69 0.06 13.12
C PHE B 69 -0.38 -0.75 14.36
N PRO B 70 -1.28 -1.66 14.74
CA PRO B 70 -1.04 -2.45 15.97
C PRO B 70 0.19 -3.36 15.88
N LEU B 71 0.59 -3.75 14.67
CA LEU B 71 1.67 -4.72 14.51
C LEU B 71 3.04 -4.07 14.41
N LEU B 72 3.09 -2.75 14.33
CA LEU B 72 4.35 -2.04 14.14
C LEU B 72 4.98 -1.75 15.49
N SER B 73 5.93 -2.58 15.89
CA SER B 73 6.44 -2.54 17.26
C SER B 73 7.29 -1.30 17.49
N GLY B 74 7.96 -0.85 16.44
CA GLY B 74 8.85 0.29 16.55
C GLY B 74 9.52 0.57 15.22
N VAL B 75 10.05 1.79 15.08
CA VAL B 75 10.76 2.18 13.87
C VAL B 75 12.06 2.85 14.27
N GLU B 76 13.16 2.45 13.64
CA GLU B 76 14.45 3.12 13.77
C GLU B 76 14.82 3.63 12.39
N ILE B 77 15.41 4.81 12.29
CA ILE B 77 15.89 5.29 11.00
C ILE B 77 17.37 5.61 11.11
N GLY B 78 18.06 5.60 9.98
CA GLY B 78 19.48 5.94 9.99
C GLY B 78 20.09 5.96 8.61
N SER B 79 21.37 6.33 8.56
CA SER B 79 22.11 6.37 7.31
C SER B 79 23.31 5.44 7.33
N ASP B 80 23.58 4.85 8.50
CA ASP B 80 24.65 3.85 8.63
C ASP B 80 24.11 2.42 8.61
N PRO B 81 24.48 1.66 7.57
CA PRO B 81 24.04 0.27 7.40
C PRO B 81 24.39 -0.62 8.59
N GLN B 82 25.53 -0.38 9.23
CA GLN B 82 25.89 -1.17 10.40
C GLN B 82 25.02 -0.92 11.63
N LYS B 83 24.38 0.25 11.71
CA LYS B 83 23.40 0.50 12.77
C LYS B 83 22.09 -0.20 12.44
N ILE B 84 21.61 0.05 11.23
CA ILE B 84 20.28 -0.40 10.84
C ILE B 84 20.15 -1.90 10.63
N PHE B 85 21.21 -2.53 10.11
CA PHE B 85 21.18 -3.97 9.87
C PHE B 85 21.41 -4.76 11.15
N ASP B 86 21.64 -4.07 12.25
CA ASP B 86 22.01 -4.74 13.51
C ASP B 86 20.93 -5.72 13.95
N GLY B 87 21.25 -7.02 13.91
CA GLY B 87 20.33 -8.05 14.36
C GLY B 87 19.08 -8.26 13.54
N VAL B 88 19.05 -7.74 12.30
CA VAL B 88 17.89 -7.96 11.45
C VAL B 88 17.84 -9.38 10.87
N SER B 89 16.63 -9.90 10.75
CA SER B 89 16.38 -11.25 10.25
C SER B 89 15.90 -11.24 8.80
N LEU B 90 15.49 -10.06 8.35
CA LEU B 90 15.12 -9.86 6.95
C LEU B 90 15.64 -8.50 6.51
N ALA B 91 16.45 -8.48 5.45
CA ALA B 91 16.90 -7.22 4.88
C ALA B 91 16.41 -7.08 3.44
N LEU B 92 15.60 -6.05 3.22
CA LEU B 92 15.07 -5.73 1.90
C LEU B 92 15.83 -4.55 1.28
N LEU B 93 16.74 -4.87 0.35
CA LEU B 93 17.63 -3.87 -0.22
C LEU B 93 16.99 -3.25 -1.46
N VAL B 94 16.25 -2.17 -1.20
CA VAL B 94 15.51 -1.47 -2.24
C VAL B 94 16.28 -0.22 -2.70
N GLY B 95 17.04 0.37 -1.79
CA GLY B 95 17.76 1.60 -2.05
C GLY B 95 18.81 1.50 -3.14
N ALA B 96 18.60 2.27 -4.21
CA ALA B 96 19.48 2.34 -5.37
C ALA B 96 18.76 3.29 -6.31
N ARG B 97 19.49 3.89 -7.26
CA ARG B 97 18.86 4.79 -8.22
C ARG B 97 18.01 4.04 -9.24
N PRO B 98 16.90 4.64 -9.70
CA PRO B 98 16.09 4.00 -10.74
C PRO B 98 16.69 4.20 -12.13
N ARG B 99 16.14 3.54 -13.14
CA ARG B 99 16.70 3.59 -14.50
C ARG B 99 16.39 4.94 -15.13
N GLY B 100 17.44 5.69 -15.49
CA GLY B 100 17.24 6.98 -16.15
C GLY B 100 17.13 6.85 -17.66
N ALA B 101 16.56 7.87 -18.29
CA ALA B 101 16.31 7.86 -19.73
C ALA B 101 17.59 7.86 -20.59
N GLY B 102 18.68 8.41 -20.06
CA GLY B 102 19.94 8.44 -20.78
C GLY B 102 20.88 7.35 -20.33
N MET B 103 20.31 6.30 -19.73
CA MET B 103 21.11 5.25 -19.12
C MET B 103 21.12 3.97 -19.93
N GLU B 104 22.31 3.42 -20.15
CA GLU B 104 22.46 2.04 -20.59
C GLU B 104 22.46 1.20 -19.32
N ARG B 105 22.25 -0.10 -19.46
CA ARG B 105 22.24 -0.99 -18.30
C ARG B 105 23.53 -0.85 -17.51
N SER B 106 24.64 -0.71 -18.23
CA SER B 106 25.96 -0.61 -17.61
C SER B 106 26.07 0.68 -16.79
N ASP B 107 25.42 1.73 -17.27
CA ASP B 107 25.37 2.99 -16.50
C ASP B 107 24.78 2.74 -15.12
N LEU B 108 23.65 2.03 -15.07
CA LEU B 108 22.99 1.79 -13.79
C LEU B 108 23.81 0.83 -12.93
N LEU B 109 24.37 -0.21 -13.54
CA LEU B 109 25.20 -1.17 -12.83
C LEU B 109 26.36 -0.45 -12.13
N GLU B 110 27.04 0.42 -12.87
CA GLU B 110 28.13 1.23 -12.35
C GLU B 110 27.63 2.17 -11.24
N ALA B 111 26.47 2.76 -11.48
CA ALA B 111 25.90 3.74 -10.57
C ALA B 111 25.60 3.15 -9.19
N ASN B 112 25.08 1.92 -9.18
CA ASN B 112 24.55 1.35 -7.94
C ASN B 112 25.43 0.29 -7.24
N GLY B 113 26.39 -0.32 -7.93
CA GLY B 113 27.11 -1.45 -7.35
C GLY B 113 27.78 -1.28 -5.98
N ALA B 114 28.44 -0.13 -5.80
CA ALA B 114 29.17 0.17 -4.58
C ALA B 114 28.27 0.10 -3.34
N ILE B 115 27.01 0.48 -3.54
CA ILE B 115 26.01 0.37 -2.50
C ILE B 115 26.04 -1.03 -1.93
N PHE B 116 26.07 -2.02 -2.83
CA PHE B 116 25.94 -3.40 -2.40
C PHE B 116 27.23 -4.00 -1.88
N THR B 117 28.36 -3.48 -2.37
CA THR B 117 29.63 -3.84 -1.72
C THR B 117 29.56 -3.47 -0.23
N ALA B 118 29.26 -2.20 0.03
CA ALA B 118 29.17 -1.70 1.42
C ALA B 118 28.11 -2.40 2.28
N GLN B 119 26.92 -2.59 1.71
CA GLN B 119 25.82 -3.22 2.45
C GLN B 119 26.03 -4.71 2.70
N GLY B 120 26.66 -5.39 1.74
CA GLY B 120 27.05 -6.77 1.94
C GLY B 120 28.00 -6.89 3.12
N LYS B 121 28.99 -5.97 3.16
CA LYS B 121 29.94 -5.98 4.29
C LYS B 121 29.24 -5.72 5.62
N ALA B 122 28.33 -4.73 5.64
CA ALA B 122 27.61 -4.43 6.86
C ALA B 122 26.76 -5.60 7.37
N LEU B 123 26.00 -6.23 6.47
CA LEU B 123 25.19 -7.40 6.83
C LEU B 123 26.10 -8.47 7.41
N ASN B 124 27.22 -8.71 6.73
CA ASN B 124 28.21 -9.67 7.22
C ASN B 124 28.63 -9.35 8.66
N ALA B 125 28.83 -8.07 8.95
CA ALA B 125 29.27 -7.67 10.28
C ALA B 125 28.20 -7.83 11.37
N VAL B 126 26.98 -7.37 11.10
CA VAL B 126 26.02 -7.20 12.20
C VAL B 126 24.63 -7.85 12.10
N ALA B 127 24.30 -8.45 10.95
CA ALA B 127 22.98 -9.06 10.81
C ALA B 127 22.80 -10.28 11.71
N ALA B 128 21.54 -10.65 11.97
CA ALA B 128 21.26 -11.84 12.77
C ALA B 128 21.72 -13.08 12.01
N ASP B 129 22.03 -14.15 12.74
CA ASP B 129 22.44 -15.40 12.09
C ASP B 129 21.41 -15.93 11.11
N ASP B 130 20.13 -15.65 11.37
CA ASP B 130 19.05 -16.23 10.56
C ASP B 130 18.61 -15.32 9.41
N VAL B 131 19.43 -14.31 9.11
CA VAL B 131 19.04 -13.28 8.16
C VAL B 131 18.77 -13.82 6.75
N ARG B 132 17.71 -13.30 6.13
CA ARG B 132 17.45 -13.50 4.70
C ARG B 132 17.54 -12.13 4.05
N VAL B 133 18.16 -12.08 2.87
CA VAL B 133 18.43 -10.82 2.19
C VAL B 133 17.77 -10.78 0.80
N GLY B 134 16.77 -9.91 0.64
CA GLY B 134 16.12 -9.73 -0.64
C GLY B 134 16.57 -8.44 -1.30
N VAL B 135 17.05 -8.54 -2.55
CA VAL B 135 17.56 -7.38 -3.28
C VAL B 135 16.59 -6.98 -4.39
N THR B 136 16.03 -5.79 -4.24
CA THR B 136 15.11 -5.25 -5.23
C THR B 136 15.80 -4.22 -6.14
N GLY B 137 16.72 -3.44 -5.56
CA GLY B 137 17.39 -2.40 -6.32
C GLY B 137 18.12 -2.91 -7.54
N ASN B 138 18.02 -2.14 -8.64
CA ASN B 138 18.57 -2.56 -9.93
C ASN B 138 20.02 -2.18 -10.21
N PRO B 139 20.75 -3.03 -10.99
CA PRO B 139 20.27 -4.31 -11.54
C PRO B 139 20.19 -5.38 -10.45
N ALA B 140 19.00 -5.93 -10.25
CA ALA B 140 18.73 -6.81 -9.11
C ALA B 140 19.71 -7.98 -8.95
N ASN B 141 19.84 -8.80 -9.99
CA ASN B 141 20.68 -10.00 -9.91
C ASN B 141 22.12 -9.67 -9.54
N THR B 142 22.68 -8.72 -10.28
CA THR B 142 24.10 -8.42 -10.12
C THR B 142 24.37 -7.75 -8.75
N ASN B 143 23.44 -6.91 -8.32
CA ASN B 143 23.57 -6.29 -7.00
C ASN B 143 23.51 -7.34 -5.90
N ALA B 144 22.62 -8.33 -6.06
CA ALA B 144 22.59 -9.45 -5.13
C ALA B 144 23.91 -10.25 -5.17
N LEU B 145 24.46 -10.43 -6.36
CA LEU B 145 25.76 -11.12 -6.47
C LEU B 145 26.82 -10.37 -5.67
N ILE B 146 26.82 -9.05 -5.82
CA ILE B 146 27.80 -8.22 -5.13
C ILE B 146 27.63 -8.32 -3.63
N ALA B 147 26.40 -8.18 -3.14
CA ALA B 147 26.16 -8.24 -1.70
C ALA B 147 26.58 -9.60 -1.16
N MET B 148 26.13 -10.66 -1.82
CA MET B 148 26.45 -12.03 -1.43
C MET B 148 27.95 -12.20 -1.31
N THR B 149 28.67 -11.78 -2.35
CA THR B 149 30.11 -12.03 -2.42
C THR B 149 30.84 -11.29 -1.30
N ASN B 150 30.28 -10.15 -0.90
CA ASN B 150 30.89 -9.34 0.15
C ASN B 150 30.43 -9.68 1.56
N ALA B 151 29.69 -10.79 1.68
CA ALA B 151 29.27 -11.30 2.98
C ALA B 151 29.60 -12.78 3.08
N PRO B 152 30.91 -13.10 3.14
CA PRO B 152 31.38 -14.50 3.11
C PRO B 152 30.98 -15.32 4.33
N ASP B 153 30.59 -14.67 5.43
CA ASP B 153 30.23 -15.40 6.63
C ASP B 153 28.73 -15.63 6.75
N ILE B 154 27.97 -15.14 5.77
CA ILE B 154 26.55 -15.46 5.66
C ILE B 154 26.41 -16.52 4.58
N PRO B 155 25.64 -17.58 4.85
CA PRO B 155 25.45 -18.61 3.83
C PRO B 155 24.96 -18.01 2.52
N ARG B 156 25.56 -18.43 1.40
CA ARG B 156 25.28 -17.84 0.10
C ARG B 156 23.81 -17.95 -0.29
N GLU B 157 23.14 -18.97 0.23
CA GLU B 157 21.74 -19.20 -0.07
C GLU B 157 20.82 -18.15 0.54
N ARG B 158 21.36 -17.30 1.40
CA ARG B 158 20.54 -16.29 2.08
C ARG B 158 20.27 -15.06 1.20
N PHE B 159 20.79 -15.06 -0.01
CA PHE B 159 20.65 -13.88 -0.88
C PHE B 159 19.77 -14.18 -2.07
N SER B 160 18.81 -13.30 -2.34
CA SER B 160 17.97 -13.48 -3.52
C SER B 160 17.61 -12.17 -4.16
N ALA B 161 17.80 -12.08 -5.48
CA ALA B 161 17.34 -10.93 -6.25
C ALA B 161 15.88 -11.10 -6.65
N LEU B 162 15.16 -9.99 -6.80
CA LEU B 162 13.73 -10.04 -7.08
C LEU B 162 13.42 -10.22 -8.56
N THR B 163 12.86 -11.38 -8.92
CA THR B 163 12.27 -11.54 -10.24
C THR B 163 10.79 -11.82 -10.07
N ARG B 164 10.31 -11.65 -8.85
CA ARG B 164 8.90 -11.93 -8.57
C ARG B 164 7.97 -10.95 -9.27
N LEU B 165 8.46 -9.75 -9.59
CA LEU B 165 7.62 -8.83 -10.38
C LEU B 165 7.44 -9.38 -11.79
N ASP B 166 8.53 -9.83 -12.39
CA ASP B 166 8.49 -10.50 -13.70
C ASP B 166 7.49 -11.66 -13.70
N HIS B 167 7.61 -12.49 -12.67
CA HIS B 167 6.76 -13.65 -12.44
C HIS B 167 5.28 -13.26 -12.38
N ASN B 168 4.96 -12.25 -11.57
CA ASN B 168 3.57 -11.84 -11.41
C ASN B 168 3.01 -11.22 -12.70
N ARG B 169 3.86 -10.46 -13.39
CA ARG B 169 3.49 -9.88 -14.68
C ARG B 169 3.17 -10.96 -15.69
N ALA B 170 3.98 -12.02 -15.67
CA ALA B 170 3.81 -13.14 -16.58
C ALA B 170 2.50 -13.85 -16.28
N ILE B 171 2.24 -14.07 -14.99
CA ILE B 171 0.96 -14.63 -14.56
C ILE B 171 -0.21 -13.78 -15.08
N SER B 172 -0.09 -12.46 -14.97
CA SER B 172 -1.14 -11.55 -15.45
C SER B 172 -1.39 -11.67 -16.96
N GLN B 173 -0.31 -11.66 -17.73
CA GLN B 173 -0.43 -11.82 -19.18
C GLN B 173 -1.05 -13.15 -19.59
N LEU B 174 -0.60 -14.24 -18.98
CA LEU B 174 -1.17 -15.55 -19.26
C LEU B 174 -2.65 -15.63 -18.88
N ALA B 175 -2.97 -15.11 -17.70
CA ALA B 175 -4.35 -15.10 -17.22
C ALA B 175 -5.24 -14.34 -18.20
N ALA B 176 -4.77 -13.18 -18.67
CA ALA B 176 -5.51 -12.41 -19.65
C ALA B 176 -5.69 -13.18 -20.96
N LYS B 177 -4.63 -13.80 -21.44
CA LYS B 177 -4.70 -14.54 -22.70
C LYS B 177 -5.68 -15.70 -22.63
N THR B 178 -5.68 -16.41 -21.51
CA THR B 178 -6.44 -17.65 -21.43
C THR B 178 -7.84 -17.45 -20.86
N GLY B 179 -8.14 -16.23 -20.40
CA GLY B 179 -9.42 -15.97 -19.77
C GLY B 179 -9.56 -16.63 -18.40
N ALA B 180 -8.42 -17.04 -17.83
CA ALA B 180 -8.42 -17.71 -16.53
C ALA B 180 -8.15 -16.71 -15.40
N ALA B 181 -8.55 -17.07 -14.18
CA ALA B 181 -8.24 -16.25 -13.01
C ALA B 181 -6.79 -16.49 -12.62
N VAL B 182 -6.16 -15.52 -11.97
CA VAL B 182 -4.75 -15.69 -11.59
C VAL B 182 -4.60 -16.85 -10.61
N THR B 183 -5.67 -17.16 -9.88
CA THR B 183 -5.65 -18.32 -8.99
C THR B 183 -5.65 -19.63 -9.75
N ASP B 184 -5.93 -19.59 -11.06
CA ASP B 184 -5.84 -20.80 -11.88
C ASP B 184 -4.43 -21.03 -12.42
N ILE B 185 -3.58 -20.01 -12.30
CA ILE B 185 -2.23 -20.10 -12.87
C ILE B 185 -1.23 -20.61 -11.83
N LYS B 186 -0.52 -21.69 -12.17
CA LYS B 186 0.45 -22.28 -11.27
C LYS B 186 1.75 -22.61 -11.98
N LYS B 187 2.82 -22.71 -11.21
CA LYS B 187 4.12 -23.15 -11.73
C LYS B 187 4.64 -22.27 -12.85
N MET B 188 4.39 -20.96 -12.74
CA MET B 188 5.04 -20.00 -13.64
C MET B 188 6.54 -19.97 -13.33
N THR B 189 7.36 -19.85 -14.36
CA THR B 189 8.80 -19.70 -14.15
C THR B 189 9.40 -18.53 -14.93
N ILE B 190 10.21 -17.71 -14.25
CA ILE B 190 11.06 -16.74 -14.92
C ILE B 190 12.48 -17.26 -14.78
N TRP B 191 13.21 -17.39 -15.88
CA TRP B 191 14.59 -17.85 -15.82
C TRP B 191 15.56 -16.71 -16.08
N GLY B 192 16.68 -16.71 -15.36
CA GLY B 192 17.75 -15.79 -15.66
C GLY B 192 17.70 -14.41 -15.02
N ASN B 193 17.92 -13.40 -15.85
CA ASN B 193 18.16 -12.04 -15.37
C ASN B 193 16.88 -11.22 -15.27
N HIS B 194 16.82 -10.33 -14.29
CA HIS B 194 15.76 -9.33 -14.27
C HIS B 194 16.15 -8.27 -15.30
N SER B 195 15.81 -8.53 -16.56
CA SER B 195 16.15 -7.62 -17.65
C SER B 195 15.37 -8.03 -18.87
N ALA B 196 15.63 -7.38 -20.01
CA ALA B 196 14.92 -7.73 -21.24
C ALA B 196 15.30 -9.11 -21.79
N THR B 197 16.29 -9.77 -21.18
CA THR B 197 16.63 -11.13 -21.60
C THR B 197 15.93 -12.20 -20.79
N GLN B 198 15.16 -11.81 -19.78
CA GLN B 198 14.43 -12.76 -18.96
C GLN B 198 13.59 -13.72 -19.81
N TYR B 199 13.50 -14.97 -19.37
CA TYR B 199 12.69 -15.94 -20.09
C TYR B 199 11.55 -16.45 -19.23
N PRO B 200 10.31 -16.07 -19.57
CA PRO B 200 9.10 -16.61 -18.94
C PRO B 200 8.69 -17.89 -19.64
N ASP B 201 8.53 -18.94 -18.84
CA ASP B 201 8.43 -20.30 -19.32
C ASP B 201 7.02 -20.84 -19.14
N LEU B 202 6.27 -20.89 -20.25
CA LEU B 202 4.92 -21.44 -20.26
C LEU B 202 4.90 -22.96 -20.29
N PHE B 203 6.05 -23.56 -20.62
CA PHE B 203 6.09 -24.99 -20.91
C PHE B 203 6.04 -25.85 -19.66
N HIS B 204 6.28 -25.23 -18.50
CA HIS B 204 6.15 -25.96 -17.24
C HIS B 204 5.04 -25.39 -16.36
N ALA B 205 4.41 -24.32 -16.84
CA ALA B 205 3.30 -23.68 -16.12
C ALA B 205 2.00 -24.43 -16.36
N GLU B 206 1.02 -24.21 -15.48
CA GLU B 206 -0.28 -24.86 -15.60
C GLU B 206 -1.40 -23.84 -15.52
N VAL B 207 -2.39 -23.98 -16.39
CA VAL B 207 -3.60 -23.16 -16.29
C VAL B 207 -4.78 -24.06 -15.96
N ALA B 208 -5.31 -23.89 -14.75
CA ALA B 208 -6.45 -24.70 -14.29
C ALA B 208 -6.24 -26.19 -14.48
N GLY B 209 -5.02 -26.65 -14.18
CA GLY B 209 -4.70 -28.06 -14.20
C GLY B 209 -4.22 -28.59 -15.55
N LYS B 210 -4.02 -27.70 -16.51
CA LYS B 210 -3.59 -28.13 -17.83
C LYS B 210 -2.34 -27.36 -18.28
N ASN B 211 -1.43 -28.05 -18.98
CA ASN B 211 -0.18 -27.45 -19.45
C ASN B 211 -0.42 -26.14 -20.19
N ALA B 212 0.21 -25.07 -19.73
CA ALA B 212 -0.08 -23.74 -20.27
C ALA B 212 0.22 -23.60 -21.76
N ALA B 213 1.35 -24.16 -22.19
CA ALA B 213 1.71 -24.15 -23.60
C ALA B 213 0.68 -24.88 -24.45
N GLU B 214 0.18 -26.00 -23.90
CA GLU B 214 -0.89 -26.77 -24.55
C GLU B 214 -2.19 -25.99 -24.59
N VAL B 215 -2.49 -25.25 -23.53
CA VAL B 215 -3.73 -24.47 -23.48
C VAL B 215 -3.71 -23.34 -24.50
N VAL B 216 -2.63 -22.56 -24.52
CA VAL B 216 -2.58 -21.41 -25.42
C VAL B 216 -2.32 -21.82 -26.87
N ASN B 217 -1.77 -23.01 -27.06
CA ASN B 217 -1.56 -23.62 -28.38
C ASN B 217 -1.17 -22.65 -29.51
N ASP B 218 -0.08 -21.93 -29.32
CA ASP B 218 0.32 -20.90 -30.28
C ASP B 218 1.75 -20.42 -30.06
N GLN B 219 2.71 -21.12 -30.65
CA GLN B 219 4.12 -20.79 -30.51
C GLN B 219 4.42 -19.35 -30.94
N ALA B 220 3.79 -18.92 -32.02
CA ALA B 220 3.99 -17.58 -32.54
C ALA B 220 3.52 -16.52 -31.54
N TRP B 221 2.46 -16.83 -30.80
CA TRP B 221 2.03 -15.89 -29.75
C TRP B 221 3.08 -15.80 -28.63
N ILE B 222 3.51 -16.96 -28.15
CA ILE B 222 4.55 -17.03 -27.12
C ILE B 222 5.77 -16.20 -27.52
N GLU B 223 6.28 -16.44 -28.73
CA GLU B 223 7.50 -15.77 -29.16
C GLU B 223 7.30 -14.29 -29.47
N ASP B 224 6.19 -13.96 -30.11
CA ASP B 224 6.02 -12.61 -30.64
C ASP B 224 5.31 -11.64 -29.70
N GLU B 225 4.45 -12.17 -28.84
CA GLU B 225 3.68 -11.30 -27.97
C GLU B 225 3.96 -11.51 -26.49
N PHE B 226 3.82 -12.74 -26.01
CA PHE B 226 3.94 -13.02 -24.57
C PHE B 226 5.32 -12.68 -24.03
N ILE B 227 6.34 -13.34 -24.55
CA ILE B 227 7.69 -13.12 -24.04
C ILE B 227 8.14 -11.65 -24.10
N PRO B 228 8.00 -10.97 -25.26
CA PRO B 228 8.48 -9.59 -25.20
C PRO B 228 7.58 -8.63 -24.41
N THR B 229 6.29 -8.95 -24.26
CA THR B 229 5.43 -8.11 -23.42
C THR B 229 5.83 -8.24 -21.95
N VAL B 230 6.12 -9.46 -21.51
CA VAL B 230 6.64 -9.65 -20.16
C VAL B 230 8.03 -9.01 -19.99
N ALA B 231 8.94 -9.32 -20.91
CA ALA B 231 10.33 -8.86 -20.82
C ALA B 231 10.46 -7.35 -20.86
N LYS B 232 9.58 -6.67 -21.58
CA LYS B 232 9.69 -5.23 -21.71
C LYS B 232 8.61 -4.47 -20.93
N ARG B 233 7.93 -5.17 -20.03
CA ARG B 233 6.84 -4.56 -19.24
C ARG B 233 7.32 -3.41 -18.37
N GLY B 234 8.54 -3.52 -17.82
CA GLY B 234 9.11 -2.44 -17.05
C GLY B 234 9.15 -1.16 -17.87
N ALA B 235 9.65 -1.27 -19.10
CA ALA B 235 9.70 -0.15 -20.02
C ALA B 235 8.30 0.39 -20.31
N ALA B 236 7.34 -0.50 -20.54
CA ALA B 236 5.95 -0.10 -20.80
C ALA B 236 5.35 0.71 -19.65
N ILE B 237 5.61 0.26 -18.43
CA ILE B 237 5.18 1.00 -17.24
C ILE B 237 5.83 2.38 -17.22
N ILE B 238 7.13 2.43 -17.49
CA ILE B 238 7.82 3.73 -17.54
C ILE B 238 7.15 4.67 -18.55
N ASP B 239 6.81 4.16 -19.72
CA ASP B 239 6.16 4.96 -20.76
C ASP B 239 4.75 5.44 -20.36
N ALA B 240 4.01 4.57 -19.67
CA ALA B 240 2.61 4.85 -19.36
C ALA B 240 2.46 5.74 -18.14
N ARG B 241 3.44 5.66 -17.24
CA ARG B 241 3.33 6.28 -15.91
C ARG B 241 4.32 7.43 -15.71
N GLY B 242 5.43 7.40 -16.44
CA GLY B 242 6.44 8.45 -16.34
C GLY B 242 7.53 8.14 -15.35
N ALA B 243 7.45 6.95 -14.74
CA ALA B 243 8.45 6.49 -13.78
C ALA B 243 8.33 4.98 -13.68
N SER B 244 9.37 4.31 -13.18
CA SER B 244 9.35 2.85 -13.10
C SER B 244 8.33 2.36 -12.07
N SER B 245 8.02 1.08 -12.11
CA SER B 245 6.98 0.51 -11.25
C SER B 245 7.33 0.72 -9.78
N ALA B 246 6.31 0.97 -8.96
CA ALA B 246 6.55 1.28 -7.55
C ALA B 246 5.66 0.38 -6.68
N ALA B 247 4.35 0.66 -6.69
CA ALA B 247 3.42 -0.12 -5.88
C ALA B 247 3.45 -1.62 -6.24
N SER B 248 3.59 -1.92 -7.53
CA SER B 248 3.66 -3.31 -7.95
C SER B 248 5.03 -3.93 -7.61
N ALA B 249 6.08 -3.13 -7.62
CA ALA B 249 7.40 -3.62 -7.21
C ALA B 249 7.41 -3.92 -5.70
N ALA B 250 6.74 -3.06 -4.94
CA ALA B 250 6.63 -3.26 -3.50
C ALA B 250 5.80 -4.50 -3.22
N SER B 251 4.73 -4.68 -3.99
CA SER B 251 3.87 -5.85 -3.80
C SER B 251 4.64 -7.12 -4.14
N ALA B 252 5.45 -7.08 -5.19
CA ALA B 252 6.27 -8.24 -5.58
C ALA B 252 7.34 -8.55 -4.54
N THR B 253 7.90 -7.49 -3.96
CA THR B 253 8.89 -7.64 -2.88
C THR B 253 8.25 -8.33 -1.68
N ILE B 254 7.02 -7.88 -1.37
CA ILE B 254 6.24 -8.51 -0.32
C ILE B 254 5.98 -9.99 -0.61
N ASP B 255 5.45 -10.29 -1.80
CA ASP B 255 5.16 -11.69 -2.18
C ASP B 255 6.40 -12.57 -2.04
N ALA B 256 7.52 -12.10 -2.55
CA ALA B 256 8.76 -12.89 -2.55
C ALA B 256 9.28 -13.16 -1.13
N ALA B 257 9.28 -12.12 -0.30
CA ALA B 257 9.77 -12.26 1.07
C ALA B 257 8.84 -13.14 1.88
N ARG B 258 7.53 -12.92 1.74
CA ARG B 258 6.51 -13.72 2.43
C ARG B 258 6.65 -15.20 2.07
N ASP B 259 6.68 -15.50 0.77
CA ASP B 259 6.83 -16.90 0.35
C ASP B 259 8.14 -17.51 0.86
N TRP B 260 9.21 -16.70 0.83
CA TRP B 260 10.51 -17.14 1.33
C TRP B 260 10.43 -17.56 2.81
N LEU B 261 9.78 -16.72 3.61
CA LEU B 261 9.73 -16.97 5.06
C LEU B 261 8.69 -18.00 5.50
N LEU B 262 7.53 -17.99 4.84
CA LEU B 262 6.36 -18.75 5.27
C LEU B 262 6.12 -20.00 4.45
N GLY B 263 6.75 -20.11 3.27
CA GLY B 263 6.66 -21.30 2.45
C GLY B 263 5.72 -21.20 1.25
N THR B 264 6.04 -21.94 0.19
CA THR B 264 5.23 -21.96 -1.02
C THR B 264 4.07 -22.96 -0.90
N PRO B 265 2.97 -22.70 -1.62
CA PRO B 265 1.83 -23.63 -1.62
C PRO B 265 2.24 -24.95 -2.25
N ALA B 266 1.82 -26.08 -1.69
CA ALA B 266 2.09 -27.36 -2.35
C ALA B 266 1.42 -27.31 -3.71
N ASP B 267 1.99 -28.03 -4.67
CA ASP B 267 1.47 -28.06 -6.03
C ASP B 267 1.66 -26.71 -6.77
N ASP B 268 2.57 -25.90 -6.25
CA ASP B 268 2.96 -24.64 -6.89
C ASP B 268 4.44 -24.36 -6.64
N TRP B 269 5.01 -23.44 -7.41
CA TRP B 269 6.35 -22.92 -7.12
C TRP B 269 6.43 -21.44 -7.51
N VAL B 270 7.50 -20.76 -7.12
CA VAL B 270 7.65 -19.35 -7.49
C VAL B 270 9.01 -19.05 -8.11
N SER B 271 9.20 -17.83 -8.61
CA SER B 271 10.49 -17.48 -9.19
C SER B 271 11.34 -16.72 -8.19
N MET B 272 12.58 -17.19 -7.99
CA MET B 272 13.51 -16.45 -7.15
C MET B 272 14.87 -16.49 -7.81
N ALA B 273 15.54 -15.35 -7.86
CA ALA B 273 16.89 -15.31 -8.40
C ALA B 273 17.85 -15.62 -7.26
N VAL B 274 18.53 -16.76 -7.37
CA VAL B 274 19.38 -17.26 -6.30
C VAL B 274 20.69 -17.78 -6.87
N VAL B 275 21.63 -18.13 -5.99
CA VAL B 275 22.93 -18.57 -6.47
C VAL B 275 22.84 -19.95 -7.14
N SER B 276 23.48 -20.08 -8.32
CA SER B 276 23.41 -21.33 -9.08
C SER B 276 24.51 -22.31 -8.69
N ASP B 277 24.13 -23.57 -8.51
CA ASP B 277 25.08 -24.66 -8.30
C ASP B 277 25.34 -25.40 -9.62
N GLY B 278 24.90 -24.81 -10.73
CA GLY B 278 25.08 -25.45 -12.02
C GLY B 278 23.79 -26.06 -12.58
N SER B 279 22.74 -26.10 -11.74
CA SER B 279 21.44 -26.66 -12.14
C SER B 279 20.95 -26.06 -13.45
N TYR B 280 20.39 -26.92 -14.31
CA TYR B 280 19.82 -26.50 -15.59
C TYR B 280 20.81 -25.75 -16.50
N GLY B 281 22.09 -26.00 -16.27
CA GLY B 281 23.12 -25.41 -17.11
C GLY B 281 23.30 -23.91 -16.91
N VAL B 282 22.87 -23.42 -15.75
CA VAL B 282 23.14 -22.03 -15.36
C VAL B 282 24.52 -22.00 -14.68
N PRO B 283 25.44 -21.18 -15.21
CA PRO B 283 26.83 -21.16 -14.72
C PRO B 283 26.88 -21.00 -13.20
N GLU B 284 27.75 -21.78 -12.57
CA GLU B 284 27.89 -21.77 -11.11
C GLU B 284 28.21 -20.36 -10.61
N GLY B 285 27.66 -20.00 -9.46
CA GLY B 285 28.00 -18.73 -8.83
C GLY B 285 27.15 -17.55 -9.24
N LEU B 286 26.42 -17.65 -10.35
CA LEU B 286 25.58 -16.55 -10.78
C LEU B 286 24.35 -16.43 -9.91
N ILE B 287 23.83 -15.21 -9.77
CA ILE B 287 22.51 -15.04 -9.18
C ILE B 287 21.53 -15.06 -10.35
N SER B 288 20.71 -16.09 -10.40
CA SER B 288 19.90 -16.34 -11.59
C SER B 288 18.53 -16.82 -11.18
N SER B 289 17.49 -16.38 -11.89
CA SER B 289 16.13 -16.75 -11.51
C SER B 289 15.89 -18.22 -11.83
N PHE B 290 15.44 -18.95 -10.82
CA PHE B 290 15.08 -20.36 -10.95
C PHE B 290 13.63 -20.53 -10.48
N PRO B 291 13.00 -21.66 -10.88
CA PRO B 291 11.78 -22.12 -10.21
C PRO B 291 12.19 -22.74 -8.89
N VAL B 292 11.54 -22.30 -7.81
CA VAL B 292 11.89 -22.81 -6.49
C VAL B 292 10.64 -23.07 -5.65
N THR B 293 10.73 -24.04 -4.75
CA THR B 293 9.76 -24.13 -3.65
C THR B 293 10.47 -23.67 -2.40
N THR B 294 9.73 -23.31 -1.36
CA THR B 294 10.35 -22.84 -0.12
C THR B 294 9.69 -23.46 1.11
N LYS B 295 10.50 -23.69 2.13
CA LYS B 295 10.04 -24.22 3.41
C LYS B 295 11.04 -23.84 4.49
N GLY B 296 10.54 -23.31 5.60
CA GLY B 296 11.37 -22.95 6.74
C GLY B 296 12.43 -21.91 6.42
N GLY B 297 12.14 -21.03 5.47
CA GLY B 297 13.08 -19.99 5.11
C GLY B 297 14.12 -20.47 4.11
N ASN B 298 14.00 -21.70 3.64
CA ASN B 298 14.95 -22.28 2.69
C ASN B 298 14.31 -22.53 1.34
N TRP B 299 15.01 -22.20 0.26
CA TRP B 299 14.51 -22.49 -1.09
C TRP B 299 15.16 -23.75 -1.65
N THR B 300 14.46 -24.38 -2.58
CA THR B 300 14.97 -25.53 -3.31
C THR B 300 14.62 -25.36 -4.77
N ILE B 301 15.63 -25.43 -5.64
CA ILE B 301 15.40 -25.38 -7.07
C ILE B 301 14.59 -26.61 -7.46
N VAL B 302 13.47 -26.38 -8.15
CA VAL B 302 12.60 -27.46 -8.60
C VAL B 302 13.40 -28.40 -9.50
N SER B 303 13.39 -29.70 -9.19
CA SER B 303 14.20 -30.65 -9.94
C SER B 303 13.37 -31.43 -10.96
N GLY B 304 14.06 -32.08 -11.91
CA GLY B 304 13.42 -32.97 -12.85
C GLY B 304 12.76 -32.33 -14.07
N LEU B 305 12.84 -31.02 -14.20
CA LEU B 305 12.22 -30.35 -15.36
C LEU B 305 13.00 -30.67 -16.63
N GLU B 306 12.29 -30.95 -17.72
CA GLU B 306 12.94 -31.13 -19.00
C GLU B 306 12.92 -29.82 -19.78
N ILE B 307 14.10 -29.39 -20.19
CA ILE B 307 14.25 -28.11 -20.86
C ILE B 307 14.27 -28.30 -22.36
N ASP B 308 13.20 -27.85 -23.01
CA ASP B 308 13.05 -27.98 -24.46
C ASP B 308 14.06 -27.10 -25.19
N GLU B 309 14.25 -27.33 -26.48
CA GLU B 309 15.28 -26.59 -27.22
C GLU B 309 15.05 -25.06 -27.27
N PHE B 310 13.80 -24.66 -27.52
CA PHE B 310 13.44 -23.24 -27.51
C PHE B 310 13.82 -22.59 -26.16
N SER B 311 13.37 -23.21 -25.07
CA SER B 311 13.64 -22.73 -23.73
C SER B 311 15.14 -22.68 -23.44
N ARG B 312 15.87 -23.72 -23.82
CA ARG B 312 17.32 -23.72 -23.66
C ARG B 312 17.97 -22.51 -24.35
N GLY B 313 17.57 -22.23 -25.58
CA GLY B 313 18.14 -21.09 -26.28
C GLY B 313 17.92 -19.79 -25.52
N ARG B 314 16.67 -19.58 -25.10
CA ARG B 314 16.35 -18.35 -24.36
C ARG B 314 17.07 -18.22 -22.99
N ILE B 315 17.10 -19.33 -22.26
CA ILE B 315 17.77 -19.37 -20.95
C ILE B 315 19.24 -19.03 -21.12
N ASP B 316 19.89 -19.65 -22.10
CA ASP B 316 21.31 -19.37 -22.34
C ASP B 316 21.54 -17.90 -22.67
N LYS B 317 20.65 -17.30 -23.45
CA LYS B 317 20.80 -15.87 -23.77
C LYS B 317 20.82 -15.03 -22.48
N SER B 318 19.89 -15.35 -21.59
CA SER B 318 19.87 -14.59 -20.33
C SER B 318 21.11 -14.84 -19.44
N THR B 319 21.56 -16.09 -19.33
CA THR B 319 22.71 -16.35 -18.47
C THR B 319 24.00 -15.78 -19.04
N ALA B 320 24.07 -15.69 -20.36
CA ALA B 320 25.21 -15.03 -21.00
C ALA B 320 25.21 -13.56 -20.56
N GLU B 321 24.05 -12.94 -20.58
CA GLU B 321 23.99 -11.56 -20.07
C GLU B 321 24.45 -11.45 -18.60
N LEU B 322 24.00 -12.39 -17.77
CA LEU B 322 24.43 -12.41 -16.37
C LEU B 322 25.95 -12.56 -16.21
N ALA B 323 26.56 -13.45 -16.99
CA ALA B 323 28.00 -13.65 -16.92
C ALA B 323 28.74 -12.37 -17.31
N ASP B 324 28.23 -11.69 -18.33
CA ASP B 324 28.82 -10.40 -18.72
C ASP B 324 28.76 -9.41 -17.56
N GLU B 325 27.61 -9.32 -16.91
CA GLU B 325 27.50 -8.42 -15.75
C GLU B 325 28.48 -8.79 -14.61
N ARG B 326 28.63 -10.10 -14.35
CA ARG B 326 29.57 -10.54 -13.32
C ARG B 326 31.00 -10.11 -13.66
N SER B 327 31.37 -10.27 -14.93
CA SER B 327 32.69 -9.84 -15.39
C SER B 327 32.84 -8.33 -15.19
N ALA B 328 31.78 -7.59 -15.49
CA ALA B 328 31.84 -6.14 -15.40
C ALA B 328 32.06 -5.67 -13.97
N VAL B 329 31.35 -6.25 -13.01
CA VAL B 329 31.53 -5.83 -11.63
C VAL B 329 32.85 -6.35 -11.06
N THR B 330 33.36 -7.45 -11.62
CA THR B 330 34.67 -7.92 -11.23
C THR B 330 35.73 -6.93 -11.69
N GLU B 331 35.58 -6.42 -12.91
CA GLU B 331 36.50 -5.41 -13.43
C GLU B 331 36.45 -4.11 -12.64
N LEU B 332 35.24 -3.73 -12.19
CA LEU B 332 35.07 -2.52 -11.40
C LEU B 332 35.59 -2.67 -9.97
N GLY B 333 35.96 -3.90 -9.61
CA GLY B 333 36.48 -4.19 -8.28
C GLY B 333 35.41 -4.18 -7.20
N LEU B 334 34.14 -4.30 -7.60
CA LEU B 334 33.03 -4.35 -6.64
C LEU B 334 32.97 -5.73 -5.99
N ILE B 335 33.44 -6.74 -6.71
CA ILE B 335 33.69 -8.07 -6.14
C ILE B 335 35.08 -8.52 -6.56
PA NAI C . -4.86 14.33 -5.95
O1A NAI C . -3.56 13.55 -5.95
O2A NAI C . -4.97 15.63 -6.70
O5B NAI C . -5.95 13.32 -6.50
C5B NAI C . -7.28 13.77 -6.71
C4B NAI C . -7.77 12.98 -7.91
O4B NAI C . -9.19 13.11 -7.99
C3B NAI C . -7.19 13.47 -9.23
O3B NAI C . -6.61 12.36 -9.95
C2B NAI C . -8.40 14.02 -9.96
O2B NAI C . -8.31 13.89 -11.39
C1B NAI C . -9.53 13.17 -9.36
N9A NAI C . -10.89 13.73 -9.60
C8A NAI C . -11.26 15.02 -9.64
N7A NAI C . -12.58 15.15 -9.90
C5A NAI C . -13.09 13.90 -10.03
C6A NAI C . -14.41 13.29 -10.30
N6A NAI C . -15.51 14.08 -10.50
N1A NAI C . -14.48 11.95 -10.36
C2A NAI C . -13.40 11.15 -10.18
N3A NAI C . -12.17 11.62 -9.91
C4A NAI C . -11.96 12.96 -9.83
O3 NAI C . -5.35 14.59 -4.43
PN NAI C . -5.20 13.59 -3.18
O1N NAI C . -5.33 12.16 -3.65
O2N NAI C . -3.98 14.01 -2.39
O5D NAI C . -6.47 13.98 -2.26
C5D NAI C . -7.80 13.78 -2.72
C4D NAI C . -8.77 14.53 -1.78
O4D NAI C . -8.68 13.99 -0.45
C3D NAI C . -8.49 16.01 -1.62
O3D NAI C . -9.77 16.69 -1.58
C2D NAI C . -7.82 16.11 -0.26
O2D NAI C . -7.95 17.40 0.33
C1D NAI C . -8.62 15.06 0.49
N1N NAI C . -8.01 14.51 1.71
C2N NAI C . -8.81 14.18 2.73
C3N NAI C . -8.31 13.63 3.91
C7N NAI C . -9.22 13.29 5.04
O7N NAI C . -8.72 12.89 6.10
N7N NAI C . -10.54 13.40 4.89
C4N NAI C . -6.83 13.36 4.06
C5N NAI C . -6.07 13.76 2.89
C6N NAI C . -6.69 14.30 1.76
C1 GOL D . -27.01 11.31 22.76
O1 GOL D . -27.60 10.03 22.83
C2 GOL D . -27.51 12.18 23.92
O2 GOL D . -27.54 13.55 23.53
C3 GOL D . -26.56 11.99 25.11
O3 GOL D . -26.28 10.62 25.27
C TRS E . -5.73 17.55 5.80
C1 TRS E . -6.30 16.52 4.86
C2 TRS E . -5.86 17.06 7.24
C3 TRS E . -6.53 18.78 5.45
N TRS E . -4.33 17.81 5.43
O1 TRS E . -7.67 16.46 5.11
O2 TRS E . -4.88 17.61 8.09
O3 TRS E . -6.37 18.94 4.05
PA NAI F . 13.63 6.08 -5.82
O1A NAI F . 12.22 6.65 -5.77
O2A NAI F . 14.75 6.94 -6.35
O5B NAI F . 14.05 5.55 -4.37
C5B NAI F . 15.38 5.08 -4.12
C4B NAI F . 15.76 5.51 -2.71
O4B NAI F . 16.98 4.85 -2.35
C3B NAI F . 16.02 7.01 -2.58
O3B NAI F . 15.11 7.57 -1.62
C2B NAI F . 17.47 7.11 -2.16
O2B NAI F . 17.74 8.18 -1.22
C1B NAI F . 17.71 5.74 -1.53
N9A NAI F . 19.13 5.36 -1.54
C8A NAI F . 20.05 5.61 -2.49
N7A NAI F . 21.25 5.09 -2.12
C5A NAI F . 21.09 4.48 -0.93
C6A NAI F . 21.94 3.73 0.02
N6A NAI F . 23.25 3.51 -0.23
N1A NAI F . 21.36 3.28 1.16
C2A NAI F . 20.05 3.49 1.44
N3A NAI F . 19.24 4.16 0.62
C4A NAI F . 19.69 4.67 -0.55
O3 NAI F . 13.63 4.72 -6.69
PN NAI F . 12.53 3.54 -6.62
O1N NAI F . 12.04 3.32 -5.21
O2N NAI F . 11.51 3.82 -7.71
O5D NAI F . 13.41 2.27 -7.06
C5D NAI F . 14.44 1.72 -6.23
C4D NAI F . 15.24 0.67 -7.01
O4D NAI F . 14.44 -0.49 -7.31
C3D NAI F . 15.73 1.18 -8.35
O3D NAI F . 17.04 0.66 -8.59
C2D NAI F . 14.79 0.55 -9.34
O2D NAI F . 15.40 0.42 -10.63
C1D NAI F . 14.59 -0.81 -8.69
N1N NAI F . 13.42 -1.54 -9.14
C2N NAI F . 13.46 -2.89 -9.15
C3N NAI F . 12.37 -3.66 -9.56
C7N NAI F . 12.47 -5.15 -9.57
O7N NAI F . 11.48 -5.82 -9.85
N7N NAI F . 13.63 -5.73 -9.24
C4N NAI F . 11.08 -2.99 -9.97
C5N NAI F . 11.16 -1.54 -9.90
C6N NAI F . 12.31 -0.88 -9.48
C1 GOL G . 28.15 -16.86 -22.34
O1 GOL G . 28.98 -16.39 -21.29
C2 GOL G . 28.79 -18.07 -23.02
O2 GOL G . 30.06 -17.68 -23.51
C3 GOL G . 28.97 -19.20 -22.02
O3 GOL G . 29.40 -20.37 -22.69
S SO4 H . 11.23 -3.10 -13.74
O1 SO4 H . 11.08 -4.23 -14.67
O2 SO4 H . 12.33 -3.35 -12.81
O3 SO4 H . 9.98 -2.91 -13.02
O4 SO4 H . 11.53 -1.88 -14.50
S SO4 I . 16.60 -3.81 -20.13
O1 SO4 I . 16.38 -3.35 -21.50
O2 SO4 I . 17.38 -5.05 -20.15
O3 SO4 I . 17.35 -2.78 -19.40
O4 SO4 I . 15.32 -4.06 -19.45
#